data_6P7S
#
_entry.id   6P7S
#
_cell.length_a   207.570
_cell.length_b   207.570
_cell.length_c   119.377
_cell.angle_alpha   90.000
_cell.angle_beta   90.000
_cell.angle_gamma   120.000
#
_symmetry.space_group_name_H-M   'P 65'
#
loop_
_entity.id
_entity.type
_entity.pdbx_description
1 polymer 'Attachment glycoprotein'
2 polymer Ephrin-B1
3 branched 2-acetamido-2-deoxy-beta-D-glucopyranose-(1-4)-2-acetamido-2-deoxy-beta-D-glucopyranose
4 branched beta-D-mannopyranose-(1-4)-2-acetamido-2-deoxy-beta-D-glucopyranose-(1-4)-2-acetamido-2-deoxy-beta-D-glucopyranose
5 non-polymer 2-acetamido-2-deoxy-beta-D-glucopyranose
#
loop_
_entity_poly.entity_id
_entity_poly.type
_entity_poly.pdbx_seq_one_letter_code
_entity_poly.pdbx_strand_id
1 'polypeptide(L)'
;AMYSTNAYAELAGPPKIFCKSVSKDPDFRLKQIDYVIPVQQDRSICMNNPLLDISDGFFTYIHYEGINSCKKSDSFKVLL
SHGEIVDRGDYRPSLYLLSSHYHPYSMQVINCVPVTCNQSSFVFCHISNNTKTLDNSDYSSDEYYITYFNGIDRPKTKKI
PINNMTADNRYIHFTFSGGGGVCLGEEFIIPVTTVINTDVFTHDYCESFNCSVQTGKSLKEICSESLRSPTNSSRYNLNG
IMIISQNNMTDFKIQLNGITYNKLSFGSPGRLSKTLGQVLYYQSSMSWDTYLKAGFVEKWKPFTPNWMNNTVISRPNQGN
CPRYHKCPEICYGGTYNDIAPLDLGKDMYVSVILDSDQLAENPEITVFNSTTILYKERVSKDELNTRSTTTSCFLFLDEP
WCISVLETNRFNGKSIRPEIYSYKIPKYC
;
A,C
2 'polypeptide(L)'
;AKNLEPVSWSSLNPKFLSGKGLVIYPKIGDKLDIICPRAEAGRPYEYYKLYLVRPEQAAACSTVLDPNVLVTCNKPHQEI
RFTIKFQEFSPNYMGLEFKKYHDYYITSTSNGSLEGLENREGGVCRTRTMKIVMKVGQDPNA
;
B,D
#
loop_
_chem_comp.id
_chem_comp.type
_chem_comp.name
_chem_comp.formula
BMA D-saccharide, beta linking beta-D-mannopyranose 'C6 H12 O6'
NAG D-saccharide, beta linking 2-acetamido-2-deoxy-beta-D-glucopyranose 'C8 H15 N O6'
#
# COMPACT_ATOMS: atom_id res chain seq x y z
N PRO A 15 26.55 38.91 23.01
CA PRO A 15 25.77 39.10 21.79
C PRO A 15 26.43 40.09 20.82
N LYS A 16 26.58 39.69 19.55
CA LYS A 16 27.25 40.52 18.54
C LYS A 16 26.37 41.68 18.06
N ILE A 17 26.87 42.42 17.08
CA ILE A 17 26.27 43.69 16.67
C ILE A 17 25.31 43.51 15.49
N PHE A 18 24.03 43.75 15.75
CA PHE A 18 22.96 43.72 14.74
C PHE A 18 21.78 44.54 15.21
N CYS A 19 20.80 44.80 14.33
CA CYS A 19 19.76 45.74 14.71
C CYS A 19 18.74 45.14 15.67
N LYS A 20 18.72 45.73 16.87
CA LYS A 20 17.88 45.29 17.98
C LYS A 20 16.70 46.20 18.29
N SER A 21 16.36 47.10 17.37
CA SER A 21 15.28 48.05 17.62
C SER A 21 14.57 48.39 16.31
N VAL A 22 13.54 49.23 16.38
CA VAL A 22 12.64 49.39 15.25
C VAL A 22 13.40 49.87 14.03
N SER A 23 12.97 49.46 12.85
CA SER A 23 13.66 49.86 11.61
C SER A 23 12.70 49.82 10.41
N LYS A 24 12.95 50.71 9.45
CA LYS A 24 12.16 50.77 8.22
C LYS A 24 13.07 50.35 7.06
N ASP A 25 12.50 49.59 6.11
CA ASP A 25 13.24 49.11 4.92
C ASP A 25 14.61 48.54 5.26
N PRO A 26 14.66 47.38 5.92
CA PRO A 26 15.99 46.91 6.29
C PRO A 26 16.59 46.04 5.19
N ASP A 27 17.85 45.66 5.37
CA ASP A 27 18.52 44.85 4.36
C ASP A 27 18.75 43.48 4.94
N PHE A 28 17.98 42.52 4.44
CA PHE A 28 18.10 41.17 4.95
C PHE A 28 19.12 40.40 4.12
N ARG A 29 19.51 41.00 2.99
CA ARG A 29 20.33 40.34 1.97
C ARG A 29 19.66 39.06 1.57
N LEU A 30 18.40 39.17 1.21
CA LEU A 30 17.63 37.97 0.97
C LEU A 30 18.07 37.28 -0.31
N LYS A 31 18.56 36.05 -0.21
CA LYS A 31 18.88 35.26 -1.39
C LYS A 31 18.13 33.94 -1.36
N GLN A 32 17.58 33.51 -2.50
CA GLN A 32 16.89 32.22 -2.53
C GLN A 32 17.79 31.06 -2.92
N ILE A 33 17.63 29.91 -2.28
CA ILE A 33 18.36 28.71 -2.69
C ILE A 33 17.46 27.70 -3.46
N ASP A 34 17.66 27.61 -4.77
CA ASP A 34 16.84 26.74 -5.58
C ASP A 34 17.49 25.38 -5.94
N TYR A 35 18.74 25.17 -5.56
CA TYR A 35 19.43 23.98 -6.04
C TYR A 35 19.43 22.81 -5.02
N VAL A 36 18.77 22.95 -3.86
CA VAL A 36 18.75 21.84 -2.87
C VAL A 36 17.57 20.84 -3.01
N ILE A 37 16.37 21.35 -3.24
CA ILE A 37 15.16 20.53 -3.36
C ILE A 37 14.98 20.02 -4.77
N PRO A 38 14.73 18.71 -4.94
CA PRO A 38 14.56 18.21 -6.30
C PRO A 38 13.46 18.94 -7.05
N VAL A 39 13.55 18.92 -8.38
CA VAL A 39 12.45 19.39 -9.23
C VAL A 39 11.92 18.13 -9.92
N GLN A 40 10.62 18.07 -10.17
CA GLN A 40 10.05 16.83 -10.68
C GLN A 40 9.67 17.03 -12.11
N GLN A 41 9.92 15.99 -12.91
CA GLN A 41 9.59 15.97 -14.32
C GLN A 41 8.07 16.15 -14.48
N ASP A 42 7.34 15.32 -13.73
CA ASP A 42 5.89 15.37 -13.69
C ASP A 42 5.46 16.60 -12.93
N ARG A 43 4.57 17.41 -13.51
CA ARG A 43 4.18 18.63 -12.80
C ARG A 43 2.85 18.40 -12.07
N SER A 44 2.34 17.17 -12.15
CA SER A 44 1.16 16.78 -11.35
C SER A 44 1.58 16.36 -9.94
N ILE A 45 2.80 15.88 -9.79
CA ILE A 45 3.32 15.57 -8.47
C ILE A 45 3.31 16.85 -7.61
N CYS A 46 2.94 16.72 -6.35
CA CYS A 46 2.91 17.87 -5.45
C CYS A 46 3.94 17.61 -4.36
N MET A 47 4.83 18.58 -4.16
CA MET A 47 5.90 18.46 -3.18
C MET A 47 5.53 19.37 -2.01
N ASN A 48 5.18 18.78 -0.88
CA ASN A 48 4.53 19.48 0.22
C ASN A 48 5.07 19.14 1.60
N ASN A 49 4.62 19.90 2.59
CA ASN A 49 5.01 19.76 4.00
C ASN A 49 6.49 19.60 4.19
N PRO A 50 7.26 20.65 3.86
CA PRO A 50 8.72 20.61 4.00
C PRO A 50 9.11 20.74 5.44
N LEU A 51 10.21 20.12 5.83
CA LEU A 51 10.68 20.13 7.21
C LEU A 51 12.19 20.30 7.24
N LEU A 52 12.75 21.23 8.01
CA LEU A 52 14.21 21.33 8.06
C LEU A 52 14.76 21.52 9.45
N ASP A 53 15.76 20.72 9.82
CA ASP A 53 16.42 20.93 11.11
C ASP A 53 17.93 21.02 10.90
N ILE A 54 18.49 22.14 11.36
CA ILE A 54 19.89 22.49 11.14
C ILE A 54 20.63 22.45 12.46
N SER A 55 21.65 21.61 12.60
CA SER A 55 22.43 21.60 13.83
C SER A 55 23.91 21.33 13.58
N ASP A 56 24.78 22.08 14.25
CA ASP A 56 26.23 21.84 14.15
C ASP A 56 26.71 21.93 12.70
N GLY A 57 26.14 22.84 11.92
CA GLY A 57 26.64 23.05 10.57
C GLY A 57 26.13 22.03 9.56
N PHE A 58 25.32 21.08 10.01
CA PHE A 58 24.72 20.08 9.13
C PHE A 58 23.22 20.21 9.15
N PHE A 59 22.57 19.77 8.08
CA PHE A 59 21.13 19.95 8.01
C PHE A 59 20.43 18.68 7.56
N THR A 60 19.17 18.52 7.97
CA THR A 60 18.29 17.45 7.50
C THR A 60 17.01 18.03 6.93
N TYR A 61 16.72 17.77 5.66
CA TYR A 61 15.51 18.27 5.01
C TYR A 61 14.62 17.09 4.69
N ILE A 62 13.31 17.30 4.73
CA ILE A 62 12.36 16.23 4.53
C ILE A 62 11.19 16.76 3.78
N HIS A 63 10.66 16.04 2.81
CA HIS A 63 9.42 16.55 2.22
C HIS A 63 8.61 15.46 1.55
N TYR A 64 7.34 15.75 1.36
CA TYR A 64 6.37 14.74 0.99
C TYR A 64 5.91 14.97 -0.43
N GLU A 65 6.24 14.08 -1.36
CA GLU A 65 5.71 14.22 -2.72
C GLU A 65 4.54 13.24 -2.87
N GLY A 66 3.43 13.71 -3.40
CA GLY A 66 2.29 12.85 -3.61
C GLY A 66 1.51 13.36 -4.80
N ILE A 67 0.80 12.47 -5.50
CA ILE A 67 0.27 12.76 -6.82
C ILE A 67 -1.09 13.39 -6.80
N ASN A 68 -1.14 14.65 -7.22
CA ASN A 68 -2.37 15.45 -7.25
C ASN A 68 -2.96 15.85 -5.92
N SER A 69 -2.26 15.55 -4.83
CA SER A 69 -2.75 15.95 -3.54
C SER A 69 -1.58 16.31 -2.64
N CYS A 70 -1.79 17.35 -1.85
CA CYS A 70 -0.82 17.85 -0.89
C CYS A 70 -1.09 17.42 0.56
N LYS A 71 -1.88 16.36 0.77
CA LYS A 71 -1.97 15.78 2.10
C LYS A 71 -0.78 14.87 2.35
N LYS A 72 -0.26 14.85 3.58
CA LYS A 72 0.90 14.03 3.93
C LYS A 72 0.58 12.56 3.90
N SER A 73 -0.67 12.19 4.23
CA SER A 73 -1.08 10.77 4.26
C SER A 73 -1.09 10.22 2.84
N ASP A 74 -1.58 11.04 1.91
CA ASP A 74 -1.65 10.66 0.51
C ASP A 74 -0.31 10.50 -0.14
N SER A 75 0.69 11.22 0.37
CA SER A 75 1.98 11.26 -0.31
C SER A 75 2.51 9.83 -0.47
N PHE A 76 2.93 9.54 -1.69
CA PHE A 76 3.30 8.19 -2.05
C PHE A 76 4.80 7.89 -1.97
N LYS A 77 5.63 8.92 -1.85
CA LYS A 77 7.02 8.71 -1.45
C LYS A 77 7.41 9.96 -0.67
N VAL A 78 8.19 9.78 0.38
CA VAL A 78 8.63 10.93 1.13
C VAL A 78 10.14 10.90 1.15
N LEU A 79 10.73 12.06 0.85
CA LEU A 79 12.17 12.20 0.63
C LEU A 79 12.91 12.69 1.87
N LEU A 80 14.02 12.03 2.14
CA LEU A 80 14.92 12.38 3.24
C LEU A 80 16.26 12.84 2.69
N SER A 81 16.78 13.96 3.15
CA SER A 81 18.09 14.36 2.66
C SER A 81 18.98 15.02 3.72
N HIS A 82 20.24 14.63 3.72
CA HIS A 82 21.26 15.12 4.65
C HIS A 82 22.27 15.98 3.92
N GLY A 83 22.75 17.01 4.58
CA GLY A 83 23.70 17.90 3.95
C GLY A 83 24.46 18.73 4.94
N GLU A 84 25.17 19.72 4.43
CA GLU A 84 26.07 20.52 5.23
C GLU A 84 25.96 22.00 4.91
N ILE A 85 26.25 22.81 5.93
CA ILE A 85 26.43 24.25 5.81
C ILE A 85 27.88 24.51 5.46
N VAL A 86 28.13 25.27 4.38
CA VAL A 86 29.50 25.47 3.97
C VAL A 86 29.74 26.87 3.37
N ASP A 87 30.91 27.44 3.66
CA ASP A 87 31.32 28.77 3.20
C ASP A 87 31.96 28.70 1.82
N ARG A 88 31.37 29.44 0.87
CA ARG A 88 31.85 29.40 -0.50
C ARG A 88 32.80 30.52 -0.88
N GLY A 89 33.06 31.43 0.06
CA GLY A 89 33.85 32.65 -0.17
C GLY A 89 32.91 33.71 -0.71
N ASP A 90 31.65 33.44 -0.43
CA ASP A 90 30.52 34.08 -1.05
C ASP A 90 30.09 35.28 -0.24
N TYR A 91 30.66 35.34 0.98
CA TYR A 91 30.26 36.21 2.11
C TYR A 91 28.87 35.88 2.68
N ARG A 92 28.41 34.65 2.44
CA ARG A 92 27.14 34.13 2.94
C ARG A 92 27.19 32.61 3.15
N PRO A 93 26.37 32.08 4.07
CA PRO A 93 26.25 30.61 4.24
C PRO A 93 25.47 29.97 3.11
N SER A 94 25.91 28.77 2.73
CA SER A 94 25.34 28.07 1.58
C SER A 94 25.12 26.60 1.91
N LEU A 95 24.14 25.98 1.26
CA LEU A 95 23.79 24.59 1.55
C LEU A 95 24.45 23.61 0.58
N TYR A 96 25.08 22.57 1.11
CA TYR A 96 25.70 21.54 0.27
C TYR A 96 24.97 20.20 0.47
N LEU A 97 24.48 19.57 -0.59
CA LEU A 97 23.67 18.37 -0.39
C LEU A 97 24.50 17.08 -0.50
N LEU A 98 24.70 16.41 0.64
CA LEU A 98 25.50 15.19 0.73
C LEU A 98 24.78 13.86 0.37
N SER A 99 23.56 13.64 0.87
CA SER A 99 22.83 12.38 0.67
C SER A 99 21.37 12.58 0.40
N SER A 100 20.80 11.81 -0.52
CA SER A 100 19.35 11.78 -0.73
C SER A 100 18.84 10.37 -0.89
N HIS A 101 17.79 10.07 -0.13
CA HIS A 101 17.13 8.78 -0.19
C HIS A 101 15.62 8.96 -0.05
N TYR A 102 14.85 7.94 -0.38
CA TYR A 102 13.42 7.94 -0.14
C TYR A 102 13.11 6.95 1.00
N HIS A 103 12.06 7.22 1.77
CA HIS A 103 11.79 6.37 2.92
C HIS A 103 11.38 4.98 2.47
N PRO A 104 11.93 3.94 3.13
CA PRO A 104 11.61 2.56 2.76
C PRO A 104 10.11 2.30 2.78
N TYR A 105 9.47 2.76 3.85
CA TYR A 105 8.07 2.52 4.10
C TYR A 105 7.18 3.69 3.67
N SER A 106 7.74 4.61 2.88
CA SER A 106 7.09 5.90 2.60
C SER A 106 5.59 5.82 2.24
N MET A 107 5.15 4.82 1.50
CA MET A 107 3.71 4.76 1.21
C MET A 107 2.89 4.58 2.48
N GLN A 108 3.47 3.93 3.48
CA GLN A 108 2.79 3.68 4.74
C GLN A 108 3.09 4.74 5.82
N VAL A 109 3.79 5.80 5.44
CA VAL A 109 4.14 6.83 6.43
C VAL A 109 2.97 7.76 6.67
N ILE A 110 2.62 7.84 7.95
CA ILE A 110 1.71 8.83 8.53
C ILE A 110 2.40 10.16 8.83
N ASN A 111 3.56 10.08 9.49
CA ASN A 111 4.22 11.32 9.86
C ASN A 111 5.72 11.17 10.16
N CYS A 112 6.48 12.26 10.05
CA CYS A 112 7.94 12.22 10.24
C CYS A 112 8.50 13.44 10.96
N VAL A 113 9.55 13.28 11.74
CA VAL A 113 10.23 14.45 12.25
C VAL A 113 11.73 14.29 12.18
N PRO A 114 12.45 15.31 11.65
CA PRO A 114 13.89 15.36 11.50
C PRO A 114 14.60 15.73 12.77
N VAL A 115 15.78 15.20 13.02
CA VAL A 115 16.66 15.82 14.01
C VAL A 115 18.09 15.56 13.56
N THR A 116 18.93 16.57 13.68
CA THR A 116 20.31 16.47 13.23
C THR A 116 21.19 16.37 14.46
N CYS A 117 21.97 15.29 14.53
CA CYS A 117 22.74 15.04 15.74
C CYS A 117 24.11 14.50 15.43
N ASN A 118 25.13 15.11 16.04
CA ASN A 118 26.52 14.71 15.88
C ASN A 118 26.84 14.41 14.42
N GLN A 119 26.51 15.40 13.58
CA GLN A 119 26.74 15.40 12.14
C GLN A 119 26.08 14.29 11.30
N SER A 120 25.02 13.70 11.84
CA SER A 120 24.25 12.74 11.07
C SER A 120 22.75 13.03 11.17
N SER A 121 21.99 12.60 10.17
CA SER A 121 20.58 12.87 10.14
C SER A 121 19.78 11.70 10.66
N PHE A 122 18.81 12.01 11.48
CA PHE A 122 17.86 11.02 11.95
C PHE A 122 16.46 11.47 11.56
N VAL A 123 15.60 10.51 11.26
CA VAL A 123 14.20 10.79 10.93
C VAL A 123 13.28 9.85 11.70
N PHE A 124 12.46 10.38 12.60
CA PHE A 124 11.59 9.56 13.42
C PHE A 124 10.20 9.47 12.80
N CYS A 125 9.62 8.28 12.76
CA CYS A 125 8.50 8.04 11.89
C CYS A 125 7.40 7.19 12.45
N HIS A 126 6.18 7.56 12.06
CA HIS A 126 4.98 6.84 12.41
C HIS A 126 4.34 6.30 11.14
N ILE A 127 4.35 4.97 11.07
CA ILE A 127 4.00 4.13 9.91
C ILE A 127 2.80 3.29 10.21
N SER A 128 1.81 3.35 9.33
CA SER A 128 0.57 2.59 9.51
C SER A 128 -0.06 2.10 8.21
N ASN A 129 -0.72 0.94 8.28
CA ASN A 129 -1.53 0.43 7.18
C ASN A 129 -2.83 1.21 7.05
N ASN A 130 -3.22 1.86 8.15
CA ASN A 130 -4.46 2.64 8.20
C ASN A 130 -4.16 4.13 8.17
N THR A 131 -4.71 4.82 7.17
CA THR A 131 -4.46 6.25 7.03
C THR A 131 -5.11 7.08 8.14
N LYS A 132 -6.21 6.55 8.67
CA LYS A 132 -6.99 7.23 9.68
C LYS A 132 -6.58 6.76 11.08
N THR A 133 -5.42 6.11 11.16
CA THR A 133 -5.07 5.35 12.36
C THR A 133 -5.08 6.14 13.66
N LEU A 134 -5.16 7.46 13.59
CA LEU A 134 -5.12 8.23 14.83
C LEU A 134 -6.53 8.39 15.39
N ASP A 135 -7.52 8.04 14.58
CA ASP A 135 -8.96 7.97 14.93
C ASP A 135 -9.45 6.59 15.41
N ASN A 136 -9.29 5.58 14.57
CA ASN A 136 -9.73 4.24 14.94
C ASN A 136 -8.79 3.46 15.76
N SER A 137 -7.51 3.61 15.51
CA SER A 137 -6.65 2.62 16.08
C SER A 137 -5.93 3.13 17.29
N ASP A 138 -5.03 2.28 17.76
CA ASP A 138 -4.21 2.62 18.86
C ASP A 138 -2.80 2.25 18.46
N TYR A 139 -1.84 2.79 19.20
CA TYR A 139 -0.46 2.79 18.79
C TYR A 139 0.26 1.46 18.86
N SER A 140 -0.39 0.44 19.37
CA SER A 140 0.24 -0.85 19.37
C SER A 140 -0.03 -1.51 18.03
N SER A 141 -0.96 -0.95 17.29
CA SER A 141 -1.30 -1.48 15.98
C SER A 141 -0.43 -0.89 14.87
N ASP A 142 0.35 0.13 15.20
CA ASP A 142 1.20 0.79 14.21
C ASP A 142 2.66 0.63 14.55
N GLU A 143 3.52 1.21 13.71
CA GLU A 143 4.96 0.98 13.85
C GLU A 143 5.75 2.28 13.86
N TYR A 144 6.81 2.29 14.66
CA TYR A 144 7.61 3.49 14.88
C TYR A 144 9.07 3.27 14.57
N TYR A 145 9.63 4.07 13.66
CA TYR A 145 10.97 3.83 13.13
C TYR A 145 11.95 4.99 13.23
N ILE A 146 13.22 4.69 13.44
CA ILE A 146 14.28 5.68 13.25
C ILE A 146 15.07 5.42 11.98
N THR A 147 15.08 6.35 11.04
CA THR A 147 15.85 6.15 9.82
C THR A 147 17.05 7.07 9.80
N TYR A 148 18.27 6.54 9.81
CA TYR A 148 19.42 7.43 9.94
C TYR A 148 20.58 7.16 8.99
N PHE A 149 21.13 8.24 8.46
CA PHE A 149 22.24 8.14 7.55
C PHE A 149 23.20 9.32 7.61
N ASN A 150 24.04 9.40 6.60
CA ASN A 150 25.13 10.33 6.62
C ASN A 150 25.59 10.55 5.18
N GLY A 151 26.66 11.32 4.99
CA GLY A 151 27.11 11.66 3.64
C GLY A 151 27.77 10.52 2.87
N ILE A 152 28.62 9.77 3.57
CA ILE A 152 29.33 8.64 2.97
C ILE A 152 28.53 7.34 2.93
N ASP A 153 27.82 7.02 4.03
CA ASP A 153 27.22 5.70 4.19
C ASP A 153 25.75 5.55 3.80
N ARG A 154 25.30 4.30 3.89
CA ARG A 154 23.97 3.91 3.44
C ARG A 154 22.97 3.98 4.58
N PRO A 155 21.74 4.40 4.28
CA PRO A 155 20.69 4.59 5.28
C PRO A 155 20.39 3.30 6.00
N LYS A 156 20.09 3.43 7.29
CA LYS A 156 19.77 2.30 8.10
C LYS A 156 18.52 2.68 8.87
N THR A 157 17.46 1.89 8.72
CA THR A 157 16.21 2.21 9.39
C THR A 157 15.88 1.13 10.44
N LYS A 158 16.00 1.50 11.71
CA LYS A 158 15.76 0.66 12.89
C LYS A 158 14.28 0.74 13.36
N LYS A 159 13.70 -0.38 13.83
CA LYS A 159 12.37 -0.35 14.46
C LYS A 159 12.44 -0.06 15.95
N ILE A 160 11.69 0.94 16.39
CA ILE A 160 11.69 1.35 17.79
C ILE A 160 10.71 0.47 18.57
N PRO A 161 11.18 -0.12 19.68
CA PRO A 161 10.45 -1.07 20.53
C PRO A 161 9.45 -0.35 21.42
N ILE A 162 8.27 -0.05 20.90
CA ILE A 162 7.28 0.68 21.68
C ILE A 162 6.74 -0.14 22.84
N ASN A 163 6.79 -1.46 22.72
CA ASN A 163 6.31 -2.39 23.76
C ASN A 163 7.05 -2.19 25.09
N ASN A 164 8.33 -1.87 25.04
CA ASN A 164 8.97 -1.40 26.25
C ASN A 164 8.99 0.11 26.14
N MET A 165 8.04 0.76 26.77
CA MET A 165 8.02 2.22 26.84
C MET A 165 7.26 2.62 28.09
N THR A 166 7.74 3.66 28.78
CA THR A 166 7.09 4.08 30.00
C THR A 166 6.37 5.41 29.80
N ALA A 167 5.05 5.37 29.81
CA ALA A 167 4.26 6.58 29.58
C ALA A 167 3.92 7.27 30.90
N ASP A 168 3.87 8.60 30.90
CA ASP A 168 3.60 9.34 32.12
C ASP A 168 2.07 9.46 32.35
N ASN A 169 1.33 8.86 31.45
CA ASN A 169 -0.11 8.84 31.56
C ASN A 169 -0.62 7.68 30.74
N ARG A 170 -1.93 7.43 30.67
CA ARG A 170 -2.39 6.31 29.87
C ARG A 170 -2.87 6.79 28.53
N TYR A 171 -2.01 6.63 27.54
CA TYR A 171 -2.27 7.16 26.21
C TYR A 171 -2.60 5.99 25.30
N ILE A 172 -3.62 6.15 24.48
CA ILE A 172 -3.97 5.09 23.59
C ILE A 172 -3.27 5.20 22.24
N HIS A 173 -2.68 6.34 21.95
CA HIS A 173 -2.04 6.54 20.66
C HIS A 173 -1.05 7.67 20.68
N PHE A 174 -0.13 7.68 19.73
CA PHE A 174 0.70 8.86 19.54
C PHE A 174 1.30 8.90 18.15
N THR A 175 1.70 10.10 17.73
CA THR A 175 2.33 10.30 16.43
C THR A 175 3.46 11.28 16.63
N PHE A 176 4.52 11.12 15.83
CA PHE A 176 5.57 12.13 15.75
C PHE A 176 5.04 13.28 14.92
N SER A 177 4.98 14.47 15.49
CA SER A 177 4.43 15.59 14.75
C SER A 177 5.15 16.89 14.99
N GLY A 178 5.69 17.50 13.95
CA GLY A 178 6.40 18.75 14.15
C GLY A 178 7.50 19.08 13.17
N GLY A 179 8.26 20.12 13.47
CA GLY A 179 9.25 20.61 12.55
C GLY A 179 10.68 20.17 12.81
N GLY A 180 10.96 19.63 13.98
CA GLY A 180 12.26 19.06 14.23
C GLY A 180 12.42 18.71 15.69
N GLY A 181 13.30 17.78 15.98
CA GLY A 181 13.51 17.36 17.35
C GLY A 181 14.86 17.86 17.80
N VAL A 182 15.33 17.32 18.92
CA VAL A 182 16.65 17.68 19.43
C VAL A 182 17.40 16.48 19.92
N CYS A 183 18.70 16.65 20.05
CA CYS A 183 19.55 15.62 20.58
C CYS A 183 20.31 16.27 21.73
N LEU A 184 20.12 15.75 22.94
CA LEU A 184 20.84 16.23 24.11
C LEU A 184 21.60 15.06 24.71
N GLY A 185 22.92 15.08 24.60
CA GLY A 185 23.71 13.96 25.10
C GLY A 185 23.50 12.66 24.36
N GLU A 186 23.12 11.63 25.11
CA GLU A 186 22.87 10.30 24.55
C GLU A 186 21.39 10.07 24.29
N GLU A 187 20.56 11.09 24.57
CA GLU A 187 19.12 10.95 24.37
C GLU A 187 18.48 11.93 23.34
N PHE A 188 17.55 11.40 22.55
CA PHE A 188 16.77 12.15 21.59
C PHE A 188 15.45 12.64 22.19
N ILE A 189 15.01 13.82 21.78
CA ILE A 189 13.74 14.34 22.23
C ILE A 189 12.90 14.80 21.03
N ILE A 190 11.74 14.19 20.84
CA ILE A 190 10.97 14.46 19.64
C ILE A 190 9.61 14.97 19.99
N PRO A 191 9.13 15.98 19.27
CA PRO A 191 7.75 16.43 19.36
C PRO A 191 6.77 15.36 18.96
N VAL A 192 5.80 15.09 19.83
CA VAL A 192 4.75 14.12 19.56
C VAL A 192 3.42 14.74 19.87
N THR A 193 2.36 14.23 19.24
CA THR A 193 1.02 14.59 19.62
C THR A 193 0.40 13.28 20.04
N THR A 194 -0.29 13.28 21.18
CA THR A 194 -0.78 12.02 21.75
C THR A 194 -2.30 11.99 21.89
N VAL A 195 -2.85 10.80 22.09
CA VAL A 195 -4.29 10.62 22.18
C VAL A 195 -4.58 9.88 23.48
N ILE A 196 -5.60 10.33 24.21
CA ILE A 196 -6.13 9.65 25.38
C ILE A 196 -7.63 9.81 25.31
N ASN A 197 -8.39 8.78 25.70
CA ASN A 197 -9.84 8.79 25.43
C ASN A 197 -10.72 9.33 26.56
N THR A 198 -10.11 9.71 27.67
CA THR A 198 -10.85 10.20 28.83
C THR A 198 -10.37 11.60 29.21
N ASP A 199 -11.24 12.50 29.65
CA ASP A 199 -10.80 13.88 29.82
C ASP A 199 -10.19 14.09 31.22
N VAL A 200 -8.87 14.06 31.24
CA VAL A 200 -8.11 14.14 32.48
C VAL A 200 -7.55 15.56 32.73
N PHE A 201 -7.94 16.50 31.89
CA PHE A 201 -7.23 17.78 31.76
C PHE A 201 -7.90 18.90 32.50
N THR A 202 -7.08 19.84 32.99
CA THR A 202 -7.53 21.02 33.71
C THR A 202 -7.18 22.30 32.99
N HIS A 203 -8.17 23.10 32.62
CA HIS A 203 -7.82 24.36 31.99
C HIS A 203 -8.18 25.53 32.87
N ASP A 204 -7.16 26.09 33.49
CA ASP A 204 -7.28 27.30 34.29
C ASP A 204 -7.18 28.48 33.34
N TYR A 205 -6.07 28.56 32.62
CA TYR A 205 -5.82 29.65 31.67
C TYR A 205 -7.02 29.89 30.79
N CYS A 206 -7.52 28.84 30.17
CA CYS A 206 -8.66 29.04 29.30
C CYS A 206 -9.83 29.56 30.10
N GLU A 207 -10.03 29.00 31.30
CA GLU A 207 -11.18 29.37 32.13
C GLU A 207 -11.08 30.81 32.64
N SER A 208 -9.89 31.39 32.56
CA SER A 208 -9.62 32.75 32.99
C SER A 208 -10.31 33.84 32.14
N PHE A 209 -10.66 33.49 30.91
CA PHE A 209 -11.15 34.47 29.95
C PHE A 209 -12.58 34.90 30.20
N ASN A 210 -12.79 36.23 30.24
CA ASN A 210 -14.13 36.82 30.29
C ASN A 210 -14.42 37.28 28.87
N CYS A 211 -15.25 36.52 28.18
CA CYS A 211 -15.39 36.69 26.75
C CYS A 211 -16.76 36.26 26.29
N SER A 212 -17.16 36.71 25.09
CA SER A 212 -18.43 36.26 24.53
C SER A 212 -18.36 34.75 24.39
N VAL A 213 -19.48 34.06 24.57
CA VAL A 213 -19.44 32.61 24.52
C VAL A 213 -20.64 32.10 23.74
N GLN A 214 -20.60 30.84 23.32
CA GLN A 214 -21.77 30.21 22.74
C GLN A 214 -22.83 30.14 23.83
N THR A 215 -24.04 30.60 23.53
CA THR A 215 -25.11 30.54 24.50
C THR A 215 -25.52 29.08 24.71
N GLY A 216 -25.97 28.75 25.91
CA GLY A 216 -26.37 27.39 26.20
C GLY A 216 -25.20 26.44 26.45
N LYS A 217 -23.98 26.98 26.52
CA LYS A 217 -22.84 26.15 26.90
C LYS A 217 -21.88 26.90 27.81
N SER A 218 -21.49 26.27 28.91
CA SER A 218 -20.60 26.86 29.92
C SER A 218 -19.20 27.14 29.41
N LEU A 219 -18.45 27.98 30.13
CA LEU A 219 -17.08 28.18 29.72
C LEU A 219 -16.31 26.88 29.92
N LYS A 220 -16.38 26.31 31.13
CA LYS A 220 -15.61 25.10 31.49
C LYS A 220 -15.93 23.95 30.55
N GLU A 221 -17.19 23.89 30.15
CA GLU A 221 -17.64 22.95 29.14
C GLU A 221 -16.97 23.23 27.80
N ILE A 222 -16.91 24.49 27.37
CA ILE A 222 -16.32 24.82 26.07
C ILE A 222 -14.81 24.51 26.07
N CYS A 223 -14.09 24.98 27.09
CA CYS A 223 -12.67 24.73 27.21
C CYS A 223 -12.38 23.24 27.20
N SER A 224 -13.21 22.48 27.91
CA SER A 224 -12.97 21.04 27.95
C SER A 224 -13.31 20.34 26.64
N GLU A 225 -14.30 20.86 25.92
CA GLU A 225 -14.69 20.24 24.66
C GLU A 225 -13.72 20.66 23.57
N SER A 226 -12.80 21.59 23.88
CA SER A 226 -11.89 22.09 22.85
C SER A 226 -10.67 21.20 22.54
N LEU A 227 -10.26 20.33 23.47
CA LEU A 227 -9.13 19.44 23.19
C LEU A 227 -9.55 18.16 22.48
N ARG A 228 -10.85 18.01 22.27
CA ARG A 228 -11.37 16.85 21.60
C ARG A 228 -11.05 16.91 20.12
N SER A 229 -10.62 15.79 19.55
CA SER A 229 -10.46 15.65 18.10
C SER A 229 -11.71 15.96 17.29
N PRO A 230 -11.54 16.66 16.16
CA PRO A 230 -12.60 17.13 15.28
C PRO A 230 -13.27 16.02 14.52
N THR A 231 -12.64 14.86 14.50
CA THR A 231 -13.19 13.69 13.83
C THR A 231 -13.73 12.72 14.87
N ASN A 232 -12.91 12.22 15.79
CA ASN A 232 -13.45 11.37 16.86
C ASN A 232 -13.58 12.13 18.17
N SER A 233 -14.83 12.48 18.49
CA SER A 233 -15.15 13.38 19.60
C SER A 233 -14.99 12.69 20.90
N SER A 234 -14.71 11.41 20.83
CA SER A 234 -14.49 10.64 22.03
C SER A 234 -13.02 10.63 22.40
N ARG A 235 -12.20 11.37 21.65
CA ARG A 235 -10.75 11.35 21.84
C ARG A 235 -10.13 12.72 22.05
N TYR A 236 -9.17 12.81 22.96
CA TYR A 236 -8.51 14.07 23.28
C TYR A 236 -7.08 14.10 22.75
N ASN A 237 -6.70 15.07 21.93
CA ASN A 237 -5.31 15.17 21.48
C ASN A 237 -4.51 16.12 22.36
N LEU A 238 -3.49 15.63 23.04
CA LEU A 238 -2.69 16.52 23.88
C LEU A 238 -1.24 16.34 23.48
N ASN A 239 -0.53 17.45 23.29
CA ASN A 239 0.88 17.42 22.89
C ASN A 239 1.83 16.89 23.94
N GLY A 240 2.99 16.44 23.47
CA GLY A 240 3.99 15.95 24.39
C GLY A 240 5.34 15.73 23.74
N ILE A 241 6.23 15.08 24.48
CA ILE A 241 7.52 14.75 23.95
C ILE A 241 7.84 13.28 24.15
N MET A 242 8.69 12.76 23.27
CA MET A 242 9.24 11.44 23.46
C MET A 242 10.76 11.45 23.62
N ILE A 243 11.20 10.79 24.68
CA ILE A 243 12.62 10.71 25.01
C ILE A 243 13.19 9.33 24.73
N ILE A 244 14.11 9.26 23.78
CA ILE A 244 14.74 7.98 23.46
C ILE A 244 16.20 7.94 23.83
N SER A 245 16.53 7.15 24.85
CA SER A 245 17.93 6.88 25.21
C SER A 245 18.36 5.64 24.47
N GLN A 246 19.51 5.73 23.84
CA GLN A 246 19.93 4.65 22.96
C GLN A 246 21.43 4.38 23.04
N ASN A 247 21.84 3.12 22.91
CA ASN A 247 23.24 2.78 22.70
C ASN A 247 23.43 2.03 21.38
N ASN A 248 24.07 2.66 20.40
CA ASN A 248 24.31 2.04 19.09
C ASN A 248 23.07 1.40 18.45
N MET A 249 21.89 1.97 18.71
CA MET A 249 20.64 1.39 18.20
C MET A 249 20.50 -0.09 18.56
N THR A 250 20.97 -0.47 19.74
CA THR A 250 20.68 -1.81 20.23
C THR A 250 19.88 -1.66 21.53
N ASP A 251 20.45 -1.01 22.54
CA ASP A 251 19.72 -0.79 23.77
C ASP A 251 18.78 0.40 23.59
N PHE A 252 17.62 0.33 24.23
CA PHE A 252 16.64 1.40 24.14
C PHE A 252 15.97 1.63 25.48
N LYS A 253 15.75 2.90 25.81
CA LYS A 253 14.94 3.28 26.96
C LYS A 253 14.02 4.41 26.48
N ILE A 254 12.72 4.18 26.52
CA ILE A 254 11.81 5.11 25.85
C ILE A 254 10.72 5.67 26.76
N GLN A 255 10.74 6.99 26.98
CA GLN A 255 9.66 7.59 27.76
C GLN A 255 8.72 8.40 26.89
N LEU A 256 7.45 8.38 27.24
CA LEU A 256 6.50 9.24 26.60
C LEU A 256 5.93 10.17 27.66
N ASN A 257 6.29 11.46 27.62
CA ASN A 257 5.76 12.42 28.60
C ASN A 257 4.85 13.42 27.92
N GLY A 258 3.87 13.94 28.63
CA GLY A 258 3.00 14.94 28.05
C GLY A 258 3.44 16.34 28.38
N ILE A 259 2.83 17.31 27.71
CA ILE A 259 3.18 18.69 27.96
C ILE A 259 2.49 19.19 29.21
N THR A 260 3.07 20.20 29.82
CA THR A 260 2.50 20.82 31.02
C THR A 260 1.11 21.37 30.80
N TYR A 261 0.28 21.18 31.81
CA TYR A 261 -1.12 21.53 31.76
C TYR A 261 -1.34 23.05 31.84
N ASN A 262 -0.27 23.77 32.16
CA ASN A 262 -0.31 25.22 32.18
C ASN A 262 -0.49 25.70 30.75
N LYS A 263 -1.59 26.42 30.52
CA LYS A 263 -1.95 26.88 29.19
C LYS A 263 -1.96 25.76 28.14
N LEU A 264 -2.91 24.85 28.22
CA LEU A 264 -3.03 23.78 27.23
C LEU A 264 -3.57 24.32 25.93
N SER A 265 -3.30 23.61 24.84
CA SER A 265 -3.98 23.90 23.60
C SER A 265 -4.03 22.69 22.74
N PHE A 266 -5.09 22.61 21.93
CA PHE A 266 -5.44 21.39 21.19
C PHE A 266 -4.24 20.86 20.50
N GLY A 267 -4.06 19.55 20.53
CA GLY A 267 -2.86 18.92 20.00
C GLY A 267 -2.56 19.29 18.55
N SER A 268 -1.33 19.79 18.36
CA SER A 268 -0.91 20.36 17.07
C SER A 268 0.55 20.02 16.82
N PRO A 269 1.01 20.19 15.57
CA PRO A 269 2.44 20.00 15.28
C PRO A 269 3.25 21.13 15.89
N GLY A 270 4.45 20.86 16.37
CA GLY A 270 5.27 21.91 16.94
C GLY A 270 6.69 21.43 17.02
N ARG A 271 7.66 22.23 17.45
CA ARG A 271 9.03 21.72 17.44
C ARG A 271 9.95 22.12 18.59
N LEU A 272 11.03 21.37 18.74
CA LEU A 272 12.10 21.65 19.70
C LEU A 272 13.36 22.10 18.99
N SER A 273 14.08 23.07 19.56
CA SER A 273 15.38 23.43 18.97
C SER A 273 16.35 23.94 20.00
N LYS A 274 17.62 23.57 19.87
CA LYS A 274 18.65 24.13 20.75
C LYS A 274 19.12 25.46 20.19
N THR A 275 18.95 26.51 20.97
CA THR A 275 19.36 27.85 20.51
C THR A 275 19.89 28.70 21.65
N LEU A 276 21.02 29.35 21.43
CA LEU A 276 21.58 30.27 22.43
C LEU A 276 21.67 29.60 23.79
N GLY A 277 22.02 28.30 23.80
CA GLY A 277 22.20 27.58 25.05
C GLY A 277 20.93 27.25 25.82
N GLN A 278 19.79 27.35 25.15
CA GLN A 278 18.48 27.00 25.70
C GLN A 278 17.87 25.91 24.84
N VAL A 279 16.63 25.52 25.15
CA VAL A 279 15.85 24.71 24.22
C VAL A 279 14.49 25.39 24.05
N LEU A 280 14.19 25.83 22.84
CA LEU A 280 12.94 26.54 22.61
C LEU A 280 11.90 25.59 22.09
N TYR A 281 10.71 25.61 22.70
CA TYR A 281 9.58 24.86 22.18
C TYR A 281 8.56 25.79 21.48
N TYR A 282 8.03 25.32 20.36
CA TYR A 282 7.03 26.03 19.58
C TYR A 282 5.84 25.10 19.38
N GLN A 283 4.63 25.59 19.46
CA GLN A 283 3.48 24.76 19.15
C GLN A 283 2.52 25.51 18.28
N SER A 284 2.23 24.99 17.10
CA SER A 284 1.35 25.72 16.18
C SER A 284 0.05 26.02 16.87
N SER A 285 -0.50 27.23 16.74
CA SER A 285 -1.77 27.48 17.42
C SER A 285 -2.89 27.14 16.46
N MET A 286 -3.51 25.98 16.70
CA MET A 286 -4.55 25.42 15.85
C MET A 286 -6.00 25.53 16.37
N SER A 287 -6.18 26.18 17.53
CA SER A 287 -7.44 26.21 18.28
C SER A 287 -7.83 27.69 18.48
N TRP A 288 -8.70 27.99 19.45
CA TRP A 288 -9.15 29.38 19.70
C TRP A 288 -8.06 30.42 20.04
N ASP A 289 -6.96 30.03 20.67
CA ASP A 289 -5.92 31.01 21.03
C ASP A 289 -4.94 31.15 19.88
N THR A 290 -4.99 32.27 19.18
CA THR A 290 -4.26 32.38 17.92
C THR A 290 -2.92 33.12 17.98
N TYR A 291 -2.55 33.60 19.14
CA TYR A 291 -1.29 34.27 19.29
C TYR A 291 -0.19 33.21 19.43
N LEU A 292 1.05 33.59 19.13
CA LEU A 292 2.20 32.68 19.15
C LEU A 292 2.27 31.87 20.44
N LYS A 293 2.38 30.56 20.35
CA LYS A 293 2.62 29.74 21.56
C LYS A 293 4.01 29.20 21.52
N ALA A 294 4.90 29.71 22.36
CA ALA A 294 6.27 29.20 22.38
C ALA A 294 6.93 29.59 23.67
N GLY A 295 8.06 28.98 23.98
CA GLY A 295 8.80 29.40 25.16
C GLY A 295 9.95 28.47 25.43
N PHE A 296 10.91 28.89 26.23
CA PHE A 296 12.05 28.02 26.47
C PHE A 296 11.64 26.93 27.47
N VAL A 297 12.39 25.84 27.50
CA VAL A 297 11.98 24.75 28.36
C VAL A 297 12.64 24.91 29.69
N GLU A 298 11.87 25.18 30.74
CA GLU A 298 12.48 25.33 32.06
C GLU A 298 12.48 24.08 32.94
N LYS A 299 11.65 23.09 32.62
CA LYS A 299 11.63 21.86 33.40
C LYS A 299 11.24 20.70 32.50
N TRP A 300 12.06 19.64 32.49
CA TRP A 300 11.77 18.53 31.57
C TRP A 300 10.68 17.59 32.05
N LYS A 301 10.63 17.32 33.35
CA LYS A 301 9.60 16.46 33.89
C LYS A 301 8.80 17.23 34.95
N PRO A 302 7.53 17.59 34.65
CA PRO A 302 6.83 17.33 33.39
C PRO A 302 7.38 18.28 32.35
N PHE A 303 7.12 18.04 31.08
CA PHE A 303 7.65 18.95 30.07
C PHE A 303 7.01 20.36 30.19
N THR A 304 7.81 21.37 30.46
CA THR A 304 7.28 22.69 30.84
C THR A 304 7.92 23.86 30.10
N PRO A 305 7.37 24.24 28.95
CA PRO A 305 7.86 25.49 28.37
C PRO A 305 7.31 26.74 29.09
N ASN A 306 8.14 27.77 29.23
CA ASN A 306 7.70 28.97 29.91
C ASN A 306 7.07 29.88 28.87
N TRP A 307 5.75 29.90 28.83
CA TRP A 307 5.09 30.43 27.65
C TRP A 307 5.26 31.92 27.54
N MET A 308 5.63 32.38 26.34
CA MET A 308 5.77 33.78 26.05
C MET A 308 4.42 34.37 26.09
N ASN A 309 4.29 35.59 26.60
CA ASN A 309 2.99 36.21 26.44
C ASN A 309 3.10 37.17 25.30
N ASN A 310 2.59 36.78 24.15
CA ASN A 310 2.92 37.55 22.97
C ASN A 310 1.75 38.13 22.30
N THR A 311 1.73 39.45 22.28
CA THR A 311 0.51 40.18 22.00
C THR A 311 0.38 40.62 20.55
N VAL A 312 1.34 40.22 19.73
CA VAL A 312 1.52 40.82 18.40
C VAL A 312 1.56 39.75 17.28
N ILE A 313 2.39 38.72 17.46
CA ILE A 313 2.51 37.67 16.46
C ILE A 313 1.39 36.62 16.50
N SER A 314 0.76 36.40 15.35
CA SER A 314 -0.41 35.53 15.22
C SER A 314 -0.37 34.69 13.91
N ARG A 315 -1.48 34.05 13.52
CA ARG A 315 -1.52 33.31 12.25
C ARG A 315 -2.91 33.35 11.66
N PRO A 316 -3.07 33.17 10.33
CA PRO A 316 -4.44 33.20 9.83
C PRO A 316 -5.21 31.89 10.04
N ASN A 317 -6.54 31.96 10.15
CA ASN A 317 -7.40 30.79 9.97
C ASN A 317 -8.78 31.22 9.52
N GLN A 318 -9.43 30.37 8.74
CA GLN A 318 -10.78 30.64 8.26
C GLN A 318 -11.84 30.30 9.29
N GLY A 319 -12.99 30.98 9.27
CA GLY A 319 -14.01 30.72 10.27
C GLY A 319 -14.04 31.55 11.54
N ASN A 320 -14.39 30.90 12.64
CA ASN A 320 -14.61 31.65 13.87
C ASN A 320 -13.32 31.97 14.58
N CYS A 321 -12.18 31.38 14.19
CA CYS A 321 -10.93 31.77 14.88
C CYS A 321 -9.80 32.23 13.97
N PRO A 322 -9.94 33.44 13.39
CA PRO A 322 -9.01 34.11 12.48
C PRO A 322 -7.89 34.80 13.22
N ARG A 323 -7.12 35.62 12.53
CA ARG A 323 -5.97 36.24 13.15
C ARG A 323 -6.33 37.05 14.37
N TYR A 324 -5.39 37.12 15.32
CA TYR A 324 -5.51 37.95 16.49
C TYR A 324 -6.74 37.66 17.32
N HIS A 325 -7.33 36.48 17.20
CA HIS A 325 -8.49 36.15 18.00
C HIS A 325 -8.03 35.44 19.26
N LYS A 326 -8.19 36.02 20.44
CA LYS A 326 -7.88 35.20 21.60
C LYS A 326 -9.05 35.05 22.56
N CYS A 327 -10.02 34.22 22.21
CA CYS A 327 -11.18 34.06 23.10
C CYS A 327 -11.78 32.66 22.98
N PRO A 328 -12.07 31.97 24.12
CA PRO A 328 -12.39 30.54 24.00
C PRO A 328 -13.53 30.22 23.07
N GLU A 329 -13.38 29.09 22.41
CA GLU A 329 -14.36 28.55 21.48
C GLU A 329 -13.85 27.21 21.00
N ILE A 330 -14.73 26.35 20.53
CA ILE A 330 -14.23 25.15 19.93
C ILE A 330 -14.22 25.36 18.41
N CYS A 331 -12.99 25.38 17.89
CA CYS A 331 -12.63 25.55 16.48
C CYS A 331 -11.26 24.95 16.19
N TYR A 332 -11.02 24.63 14.91
CA TYR A 332 -9.81 23.95 14.47
C TYR A 332 -9.24 24.50 13.15
N GLY A 333 -7.94 24.74 13.11
CA GLY A 333 -7.32 25.19 11.89
C GLY A 333 -6.17 26.15 12.14
N GLY A 334 -5.65 26.74 11.06
CA GLY A 334 -4.50 27.63 11.14
C GLY A 334 -3.30 26.96 10.54
N THR A 335 -2.20 27.72 10.42
CA THR A 335 -0.98 27.30 9.73
C THR A 335 0.17 27.20 10.71
N TYR A 336 1.17 26.39 10.39
CA TYR A 336 2.38 26.32 11.24
C TYR A 336 3.43 27.28 10.71
N ASN A 337 3.66 28.41 11.38
CA ASN A 337 4.79 29.23 11.00
C ASN A 337 5.72 29.28 12.20
N ASP A 338 6.81 28.53 12.21
CA ASP A 338 7.52 28.44 13.48
C ASP A 338 8.60 29.49 13.53
N ILE A 339 9.25 29.59 14.69
CA ILE A 339 10.10 30.75 14.97
C ILE A 339 11.45 30.33 15.49
N ALA A 340 12.41 31.27 15.45
CA ALA A 340 13.71 31.04 16.10
C ALA A 340 14.27 32.32 16.76
N PRO A 341 14.94 32.16 17.92
CA PRO A 341 15.43 33.20 18.81
C PRO A 341 16.61 33.93 18.24
N LEU A 342 16.65 35.27 18.33
CA LEU A 342 17.84 35.99 17.87
C LEU A 342 18.67 36.40 19.09
N ASP A 343 18.14 37.29 19.91
CA ASP A 343 18.83 37.70 21.13
C ASP A 343 17.96 37.42 22.35
N LEU A 344 18.56 36.89 23.41
CA LEU A 344 17.85 36.67 24.67
C LEU A 344 17.57 38.02 25.32
N GLY A 345 18.63 38.80 25.47
CA GLY A 345 18.58 40.09 26.15
C GLY A 345 17.50 41.02 25.66
N LYS A 346 17.28 41.10 24.36
CA LYS A 346 16.23 41.95 23.87
C LYS A 346 14.95 41.18 23.62
N ASP A 347 14.98 39.87 23.89
CA ASP A 347 13.80 39.01 23.74
C ASP A 347 13.28 39.10 22.29
N MET A 348 14.12 38.69 21.33
CA MET A 348 13.84 38.86 19.92
C MET A 348 13.78 37.55 19.22
N TYR A 349 12.90 37.49 18.22
CA TYR A 349 12.66 36.28 17.45
C TYR A 349 12.41 36.65 15.99
N VAL A 350 12.68 35.72 15.07
CA VAL A 350 12.24 35.83 13.66
C VAL A 350 11.29 34.72 13.30
N SER A 351 10.37 35.03 12.39
CA SER A 351 9.52 34.01 11.81
C SER A 351 9.03 34.40 10.45
N VAL A 352 8.84 33.43 9.57
CA VAL A 352 8.23 33.84 8.32
C VAL A 352 6.75 33.61 8.51
N ILE A 353 6.00 34.70 8.71
CA ILE A 353 4.60 34.61 9.13
C ILE A 353 3.72 35.10 8.04
N LEU A 354 2.48 34.64 7.99
CA LEU A 354 1.60 35.02 6.89
C LEU A 354 0.81 36.27 7.28
N ASP A 355 0.90 37.32 6.48
CA ASP A 355 0.11 38.52 6.77
C ASP A 355 -1.15 38.36 6.01
N SER A 356 -2.14 37.82 6.69
CA SER A 356 -3.47 37.64 6.14
C SER A 356 -4.31 37.39 7.34
N ASP A 357 -5.61 37.58 7.20
CA ASP A 357 -6.54 37.33 8.27
C ASP A 357 -6.95 35.87 8.25
N GLN A 358 -7.52 35.43 7.14
CA GLN A 358 -8.00 34.06 6.98
C GLN A 358 -7.22 33.28 5.94
N LEU A 359 -7.09 33.84 4.75
CA LEU A 359 -6.32 33.24 3.66
C LEU A 359 -4.90 32.86 4.07
N ALA A 360 -4.37 31.83 3.43
CA ALA A 360 -3.00 31.46 3.72
C ALA A 360 -2.11 32.01 2.62
N GLU A 361 -1.43 33.11 2.90
CA GLU A 361 -0.60 33.79 1.91
C GLU A 361 0.23 34.91 2.49
N ASN A 362 0.97 35.58 1.61
CA ASN A 362 1.79 36.73 1.95
C ASN A 362 2.82 36.50 3.06
N PRO A 363 3.82 35.64 2.82
CA PRO A 363 4.90 35.44 3.79
C PRO A 363 5.64 36.74 4.05
N GLU A 364 5.95 37.02 5.30
CA GLU A 364 6.74 38.18 5.67
C GLU A 364 7.76 37.71 6.67
N ILE A 365 9.04 37.97 6.39
CA ILE A 365 10.06 37.73 7.39
C ILE A 365 9.77 38.77 8.41
N THR A 366 9.46 38.37 9.63
CA THR A 366 9.13 39.34 10.67
C THR A 366 10.08 39.11 11.84
N VAL A 367 10.64 40.21 12.35
CA VAL A 367 11.51 40.21 13.53
C VAL A 367 10.81 40.99 14.60
N PHE A 368 10.59 40.34 15.75
CA PHE A 368 9.72 40.88 16.79
C PHE A 368 10.21 40.59 18.21
N ASN A 369 9.69 41.36 19.17
CA ASN A 369 9.81 41.01 20.59
C ASN A 369 8.41 40.75 21.13
N SER A 370 8.30 40.44 22.41
CA SER A 370 7.03 40.00 22.94
C SER A 370 5.90 41.01 22.80
N THR A 371 6.26 42.28 22.62
CA THR A 371 5.32 43.39 22.58
C THR A 371 5.04 43.84 21.16
N THR A 372 6.11 44.27 20.49
CA THR A 372 5.98 44.94 19.19
C THR A 372 6.85 44.37 18.07
N ILE A 373 6.42 44.56 16.81
CA ILE A 373 7.23 44.10 15.68
C ILE A 373 8.33 45.08 15.33
N LEU A 374 9.57 44.62 15.47
CA LEU A 374 10.73 45.46 15.20
C LEU A 374 10.85 45.80 13.71
N TYR A 375 10.95 44.80 12.85
CA TYR A 375 10.88 45.09 11.42
C TYR A 375 10.49 43.86 10.61
N LYS A 376 10.06 44.09 9.37
CA LYS A 376 9.56 43.03 8.56
C LYS A 376 9.93 43.29 7.13
N GLU A 377 9.99 42.23 6.35
CA GLU A 377 10.07 42.37 4.91
C GLU A 377 9.27 41.28 4.23
N ARG A 378 8.43 41.63 3.26
CA ARG A 378 7.68 40.61 2.55
C ARG A 378 8.64 39.81 1.64
N VAL A 379 8.47 38.48 1.59
CA VAL A 379 9.38 37.63 0.83
C VAL A 379 9.15 37.77 -0.65
N SER A 380 7.92 37.70 -1.11
CA SER A 380 7.70 37.94 -2.54
C SER A 380 6.80 39.12 -2.78
N LYS A 381 7.14 39.91 -3.79
CA LYS A 381 6.40 41.12 -4.09
C LYS A 381 5.05 40.78 -4.69
N ASP A 382 5.01 39.77 -5.55
CA ASP A 382 3.71 39.28 -6.06
C ASP A 382 3.00 38.42 -5.02
N GLU A 383 1.68 38.27 -5.18
CA GLU A 383 0.89 37.38 -4.31
C GLU A 383 1.53 36.01 -4.29
N LEU A 384 1.69 35.43 -3.11
CA LEU A 384 2.33 34.12 -3.02
C LEU A 384 1.57 33.26 -2.02
N ASN A 385 1.26 32.04 -2.45
CA ASN A 385 0.49 31.09 -1.65
C ASN A 385 1.39 30.27 -0.74
N THR A 386 1.18 30.34 0.57
CA THR A 386 2.10 29.67 1.46
C THR A 386 1.37 29.06 2.65
N ARG A 387 1.81 27.88 3.07
CA ARG A 387 1.24 27.29 4.27
C ARG A 387 2.22 27.16 5.42
N SER A 388 3.04 26.14 5.43
CA SER A 388 3.95 25.91 6.54
C SER A 388 5.12 26.82 6.40
N THR A 389 5.73 27.27 7.48
CA THR A 389 6.99 27.97 7.31
C THR A 389 7.96 27.56 8.42
N THR A 390 9.10 26.94 8.11
CA THR A 390 10.03 26.67 9.21
C THR A 390 11.20 27.61 9.09
N THR A 391 11.79 28.02 10.21
CA THR A 391 12.91 28.96 10.17
C THR A 391 13.95 28.54 11.15
N SER A 392 15.21 28.45 10.74
CA SER A 392 16.31 28.11 11.66
C SER A 392 17.42 29.15 11.57
N CYS A 393 18.08 29.43 12.68
CA CYS A 393 19.16 30.43 12.66
C CYS A 393 20.46 29.98 13.28
N PHE A 394 21.54 30.58 12.80
CA PHE A 394 22.88 30.15 13.20
C PHE A 394 23.86 31.28 12.96
N LEU A 395 24.98 31.17 13.66
CA LEU A 395 26.05 32.15 13.59
C LEU A 395 27.05 31.80 12.49
N PHE A 396 27.18 32.68 11.51
CA PHE A 396 28.07 32.43 10.39
C PHE A 396 28.98 33.61 10.13
N LEU A 397 30.28 33.36 10.30
CA LEU A 397 31.31 34.41 10.26
C LEU A 397 30.90 35.45 11.28
N ASP A 398 30.67 34.93 12.50
CA ASP A 398 30.27 35.70 13.67
C ASP A 398 29.11 36.66 13.45
N GLU A 399 28.15 36.24 12.64
CA GLU A 399 26.98 37.04 12.35
C GLU A 399 25.69 36.20 12.37
N PRO A 400 24.59 36.80 12.85
CA PRO A 400 23.34 36.06 12.79
C PRO A 400 22.80 35.92 11.35
N TRP A 401 22.56 34.66 10.94
CA TRP A 401 22.07 34.29 9.61
C TRP A 401 20.95 33.27 9.75
N CYS A 402 19.92 33.41 8.90
CA CYS A 402 18.73 32.54 8.92
C CYS A 402 18.47 31.82 7.61
N ILE A 403 17.91 30.62 7.71
CA ILE A 403 17.41 29.84 6.58
C ILE A 403 15.96 29.46 6.80
N SER A 404 15.07 29.79 5.88
CA SER A 404 13.65 29.47 6.05
C SER A 404 13.17 28.61 4.92
N VAL A 405 12.39 27.56 5.21
CA VAL A 405 11.75 26.77 4.14
C VAL A 405 10.25 27.02 4.16
N LEU A 406 9.73 27.40 2.99
CA LEU A 406 8.36 27.84 2.84
C LEU A 406 7.63 26.85 1.98
N GLU A 407 6.45 26.46 2.42
CA GLU A 407 5.61 25.54 1.67
C GLU A 407 4.77 26.36 0.75
N THR A 408 5.07 26.29 -0.54
CA THR A 408 4.53 27.30 -1.44
C THR A 408 3.82 26.73 -2.66
N ASN A 409 2.79 27.42 -3.13
CA ASN A 409 2.18 27.14 -4.40
C ASN A 409 2.32 28.36 -5.27
N ARG A 410 3.42 28.39 -6.03
CA ARG A 410 3.78 29.59 -6.78
C ARG A 410 3.13 29.68 -8.13
N PHE A 411 3.10 28.56 -8.85
CA PHE A 411 2.49 28.61 -10.15
C PHE A 411 1.13 27.92 -10.08
N ASN A 412 0.13 28.65 -9.61
CA ASN A 412 -1.27 28.31 -9.79
C ASN A 412 -1.67 26.84 -9.79
N GLY A 413 -1.16 26.06 -8.84
CA GLY A 413 -1.62 24.70 -8.62
C GLY A 413 -0.92 23.58 -9.34
N LYS A 414 0.10 23.92 -10.13
CA LYS A 414 0.88 22.89 -10.79
C LYS A 414 2.35 23.16 -10.50
N SER A 415 3.16 22.11 -10.51
CA SER A 415 4.54 22.24 -10.12
C SER A 415 4.66 22.88 -8.74
N ILE A 416 3.99 22.28 -7.76
CA ILE A 416 4.11 22.71 -6.38
C ILE A 416 5.46 22.29 -5.85
N ARG A 417 6.12 23.18 -5.12
CA ARG A 417 7.41 22.86 -4.57
C ARG A 417 7.82 23.89 -3.56
N PRO A 418 8.27 23.42 -2.39
CA PRO A 418 8.75 24.32 -1.34
C PRO A 418 9.98 25.10 -1.80
N GLU A 419 10.22 26.24 -1.17
CA GLU A 419 11.36 27.10 -1.50
C GLU A 419 12.22 27.35 -0.25
N ILE A 420 13.51 27.56 -0.46
CA ILE A 420 14.44 27.81 0.65
C ILE A 420 14.99 29.21 0.50
N TYR A 421 15.12 29.96 1.59
CA TYR A 421 15.75 31.28 1.52
C TYR A 421 16.77 31.43 2.61
N SER A 422 17.80 32.23 2.35
CA SER A 422 18.75 32.57 3.40
C SER A 422 18.79 34.06 3.46
N TYR A 423 18.97 34.60 4.67
CA TYR A 423 19.01 36.04 4.87
C TYR A 423 19.79 36.33 6.13
N LYS A 424 20.22 37.57 6.29
CA LYS A 424 21.10 38.01 7.38
C LYS A 424 20.38 39.04 8.17
N ILE A 425 20.51 38.96 9.49
CA ILE A 425 19.90 39.94 10.38
C ILE A 425 20.71 41.25 10.33
N PRO A 426 20.06 42.35 9.91
CA PRO A 426 20.71 43.64 9.62
C PRO A 426 21.62 44.12 10.73
N LYS A 427 22.82 44.62 10.43
CA LYS A 427 23.73 45.08 11.49
C LYS A 427 23.40 46.52 11.88
N TYR A 428 22.69 47.22 11.00
CA TYR A 428 22.41 48.62 11.21
C TYR A 428 20.91 48.85 11.05
N CYS A 429 20.34 49.69 11.90
CA CYS A 429 18.90 49.94 11.90
C CYS A 429 18.48 51.06 10.97
N ALA B 1 -8.56 37.78 -11.30
CA ALA B 1 -8.50 38.31 -9.95
C ALA B 1 -9.75 39.13 -9.62
N LYS B 2 -10.75 38.50 -9.02
CA LYS B 2 -12.02 39.18 -8.72
C LYS B 2 -12.61 38.78 -7.36
N ASN B 3 -13.13 39.75 -6.61
CA ASN B 3 -13.87 39.41 -5.40
C ASN B 3 -15.36 39.22 -5.71
N LEU B 4 -15.85 37.99 -5.57
CA LEU B 4 -17.22 37.65 -5.89
C LEU B 4 -18.19 38.21 -4.84
N GLU B 5 -19.47 38.28 -5.18
CA GLU B 5 -20.48 38.81 -4.26
C GLU B 5 -20.53 37.97 -3.02
N PRO B 6 -20.36 38.60 -1.85
CA PRO B 6 -20.49 37.93 -0.55
C PRO B 6 -21.83 37.21 -0.42
N VAL B 7 -21.82 35.94 -0.02
CA VAL B 7 -23.05 35.16 0.11
C VAL B 7 -23.54 35.10 1.57
N SER B 8 -24.64 35.78 1.84
CA SER B 8 -25.19 35.77 3.19
C SER B 8 -25.78 34.39 3.48
N TRP B 9 -25.54 33.85 4.67
CA TRP B 9 -26.12 32.55 4.99
C TRP B 9 -27.25 32.70 6.00
N SER B 10 -28.47 32.58 5.49
CA SER B 10 -29.67 32.70 6.30
C SER B 10 -30.80 31.94 5.60
N SER B 11 -31.84 31.59 6.34
CA SER B 11 -33.05 30.99 5.76
C SER B 11 -33.70 32.00 4.82
N LEU B 12 -33.48 33.27 5.15
CA LEU B 12 -34.09 34.38 4.45
C LEU B 12 -33.44 34.61 3.07
N ASN B 13 -32.30 34.00 2.80
CA ASN B 13 -31.62 34.32 1.55
C ASN B 13 -32.24 33.60 0.35
N PRO B 14 -32.66 34.38 -0.65
CA PRO B 14 -33.20 33.98 -1.95
C PRO B 14 -32.20 33.42 -2.96
N LYS B 15 -30.91 33.66 -2.78
CA LYS B 15 -29.92 33.24 -3.76
C LYS B 15 -29.84 31.72 -3.85
N PHE B 16 -30.50 31.06 -2.89
CA PHE B 16 -30.62 29.60 -2.80
C PHE B 16 -31.88 29.14 -3.52
N LEU B 17 -31.71 28.38 -4.60
CA LEU B 17 -32.86 27.93 -5.39
C LEU B 17 -33.25 26.55 -4.89
N SER B 18 -34.56 26.33 -4.73
CA SER B 18 -35.08 25.10 -4.12
C SER B 18 -34.51 23.84 -4.77
N GLY B 19 -34.56 23.74 -6.09
CA GLY B 19 -34.03 22.54 -6.73
C GLY B 19 -32.52 22.51 -6.87
N LYS B 20 -31.93 23.62 -7.29
CA LYS B 20 -30.49 23.71 -7.57
C LYS B 20 -29.60 24.00 -6.34
N GLY B 21 -30.10 24.84 -5.43
CA GLY B 21 -29.31 25.45 -4.36
C GLY B 21 -28.58 26.67 -4.90
N LEU B 22 -27.37 26.91 -4.44
CA LEU B 22 -26.61 28.05 -4.96
C LEU B 22 -25.42 27.57 -5.73
N VAL B 23 -25.36 27.99 -7.00
CA VAL B 23 -24.30 27.55 -7.87
C VAL B 23 -23.52 28.76 -8.34
N ILE B 24 -22.21 28.58 -8.52
CA ILE B 24 -21.32 29.62 -9.01
C ILE B 24 -20.17 28.96 -9.73
N TYR B 25 -19.60 29.65 -10.71
CA TYR B 25 -18.44 29.13 -11.41
C TYR B 25 -17.26 30.07 -11.18
N PRO B 26 -16.53 29.88 -10.06
CA PRO B 26 -15.42 30.77 -9.71
C PRO B 26 -14.15 30.41 -10.46
N LYS B 27 -13.29 31.40 -10.65
CA LYS B 27 -12.00 31.19 -11.29
C LYS B 27 -10.95 31.11 -10.19
N ILE B 28 -9.92 30.30 -10.40
CA ILE B 28 -8.84 30.21 -9.43
C ILE B 28 -8.16 31.57 -9.18
N GLY B 29 -7.93 31.86 -7.91
CA GLY B 29 -7.36 33.11 -7.45
C GLY B 29 -8.41 34.17 -7.13
N ASP B 30 -9.65 33.73 -6.95
CA ASP B 30 -10.78 34.61 -6.66
C ASP B 30 -11.15 34.52 -5.20
N LYS B 31 -11.31 35.65 -4.51
CA LYS B 31 -11.88 35.63 -3.15
C LYS B 31 -13.43 35.60 -3.12
N LEU B 32 -13.99 35.06 -2.05
CA LEU B 32 -15.42 34.94 -1.83
C LEU B 32 -15.71 34.93 -0.33
N ASP B 33 -16.83 35.51 0.08
CA ASP B 33 -17.10 35.58 1.51
C ASP B 33 -18.46 34.99 1.88
N ILE B 34 -18.44 34.13 2.90
CA ILE B 34 -19.65 33.55 3.47
C ILE B 34 -19.89 34.16 4.83
N ILE B 35 -21.07 34.74 5.05
CA ILE B 35 -21.31 35.47 6.30
C ILE B 35 -22.47 34.88 7.13
N CYS B 36 -22.36 34.98 8.45
CA CYS B 36 -23.47 34.58 9.32
C CYS B 36 -24.06 35.84 9.89
N PRO B 37 -25.22 36.26 9.34
CA PRO B 37 -25.79 37.56 9.71
C PRO B 37 -26.23 37.51 11.16
N ARG B 38 -26.10 38.62 11.87
CA ARG B 38 -26.41 38.62 13.29
C ARG B 38 -27.88 38.92 13.44
N ALA B 39 -28.42 38.82 14.66
CA ALA B 39 -29.87 38.84 14.77
C ALA B 39 -30.39 40.22 14.41
N GLU B 40 -31.23 40.28 13.39
CA GLU B 40 -31.80 41.56 12.98
C GLU B 40 -33.07 41.77 13.76
N ALA B 41 -33.40 43.03 14.02
CA ALA B 41 -34.57 43.37 14.82
C ALA B 41 -35.85 42.70 14.34
N GLY B 42 -36.54 42.05 15.28
CA GLY B 42 -37.79 41.37 14.98
C GLY B 42 -37.65 39.97 14.39
N ARG B 43 -36.43 39.58 14.05
CA ARG B 43 -36.19 38.21 13.56
C ARG B 43 -35.41 37.37 14.56
N PRO B 44 -35.64 36.06 14.55
CA PRO B 44 -34.89 35.22 15.47
C PRO B 44 -33.52 34.88 14.87
N TYR B 45 -32.50 34.72 15.70
CA TYR B 45 -31.19 34.39 15.16
C TYR B 45 -31.29 32.98 14.64
N GLU B 46 -30.47 32.66 13.65
CA GLU B 46 -30.44 31.31 13.13
C GLU B 46 -29.09 30.74 13.45
N TYR B 47 -29.07 29.58 14.11
CA TYR B 47 -27.84 28.93 14.46
C TYR B 47 -27.52 27.84 13.43
N TYR B 48 -26.27 27.76 12.98
CA TYR B 48 -25.90 26.80 11.96
C TYR B 48 -24.48 26.29 12.09
N LYS B 49 -24.22 25.16 11.45
CA LYS B 49 -22.88 24.63 11.37
C LYS B 49 -22.65 24.30 9.91
N LEU B 50 -21.78 25.04 9.23
CA LEU B 50 -21.61 24.80 7.78
C LEU B 50 -20.55 23.73 7.55
N TYR B 51 -20.92 22.63 6.91
CA TYR B 51 -19.91 21.61 6.66
C TYR B 51 -19.46 21.64 5.20
N LEU B 52 -18.38 20.92 4.92
CA LEU B 52 -17.90 20.65 3.57
C LEU B 52 -18.08 19.16 3.35
N VAL B 53 -18.83 18.81 2.30
CA VAL B 53 -19.29 17.44 2.06
C VAL B 53 -19.02 16.96 0.63
N ARG B 54 -18.98 15.64 0.45
CA ARG B 54 -18.86 15.09 -0.89
C ARG B 54 -20.23 15.08 -1.54
N PRO B 55 -20.29 14.91 -2.88
CA PRO B 55 -21.58 14.96 -3.56
C PRO B 55 -22.61 13.98 -2.98
N GLU B 56 -22.16 12.76 -2.68
CA GLU B 56 -23.02 11.73 -2.13
C GLU B 56 -23.70 12.22 -0.87
N GLN B 57 -22.96 12.98 -0.06
CA GLN B 57 -23.50 13.55 1.17
C GLN B 57 -24.40 14.76 0.91
N ALA B 58 -24.22 15.43 -0.22
CA ALA B 58 -25.06 16.57 -0.58
C ALA B 58 -26.44 16.12 -1.10
N ALA B 59 -26.46 15.03 -1.89
CA ALA B 59 -27.73 14.45 -2.32
C ALA B 59 -28.47 13.82 -1.14
N ALA B 60 -27.77 13.04 -0.33
CA ALA B 60 -28.40 12.35 0.80
C ALA B 60 -28.81 13.35 1.88
N CYS B 61 -28.08 14.47 1.91
CA CYS B 61 -28.16 15.50 2.95
C CYS B 61 -27.83 14.99 4.35
N SER B 62 -26.68 14.34 4.44
CA SER B 62 -26.13 13.87 5.70
C SER B 62 -24.67 14.23 5.82
N THR B 63 -24.31 14.82 6.95
CA THR B 63 -22.94 15.20 7.24
C THR B 63 -22.26 14.22 8.19
N VAL B 64 -22.86 13.06 8.43
CA VAL B 64 -22.34 12.18 9.48
C VAL B 64 -20.96 11.59 9.23
N LEU B 65 -20.68 11.22 8.00
CA LEU B 65 -19.50 10.41 7.70
C LEU B 65 -18.16 11.09 7.96
N ASP B 66 -17.91 12.20 7.30
CA ASP B 66 -16.70 12.91 7.63
C ASP B 66 -17.03 14.39 7.76
N PRO B 67 -16.59 14.96 8.89
CA PRO B 67 -16.77 16.30 9.41
C PRO B 67 -15.72 17.34 9.04
N ASN B 68 -15.82 18.01 7.90
CA ASN B 68 -15.00 19.21 7.76
C ASN B 68 -15.91 20.40 8.01
N VAL B 69 -15.89 20.90 9.23
CA VAL B 69 -16.76 22.00 9.61
C VAL B 69 -15.99 23.30 9.44
N LEU B 70 -16.51 24.19 8.61
CA LEU B 70 -15.84 25.44 8.29
C LEU B 70 -16.12 26.54 9.33
N VAL B 71 -17.39 26.96 9.39
CA VAL B 71 -17.86 27.96 10.32
C VAL B 71 -19.01 27.40 11.12
N THR B 72 -19.21 27.93 12.31
CA THR B 72 -20.35 27.56 13.10
C THR B 72 -20.88 28.88 13.63
N CYS B 73 -22.13 29.26 13.31
CA CYS B 73 -22.59 30.58 13.76
C CYS B 73 -23.31 30.39 15.06
N ASN B 74 -22.54 30.42 16.15
CA ASN B 74 -23.09 30.28 17.48
C ASN B 74 -23.06 31.57 18.30
N LYS B 75 -22.65 32.65 17.65
CA LYS B 75 -22.68 33.97 18.29
C LYS B 75 -23.65 34.75 17.44
N PRO B 76 -24.80 35.10 18.03
CA PRO B 76 -25.82 36.00 17.47
C PRO B 76 -25.49 37.47 17.50
N HIS B 77 -24.68 37.89 18.46
CA HIS B 77 -24.47 39.32 18.63
C HIS B 77 -23.30 39.92 17.82
N GLN B 78 -22.40 39.08 17.29
CA GLN B 78 -21.26 39.58 16.49
C GLN B 78 -21.19 38.73 15.24
N GLU B 79 -21.08 39.36 14.07
CA GLU B 79 -21.17 38.59 12.83
C GLU B 79 -19.78 38.06 12.54
N ILE B 80 -19.74 36.77 12.25
CA ILE B 80 -18.51 36.08 11.93
C ILE B 80 -18.52 35.73 10.46
N ARG B 81 -17.34 35.73 9.86
CA ARG B 81 -17.25 35.50 8.42
C ARG B 81 -16.17 34.48 8.05
N PHE B 82 -16.28 34.01 6.82
CA PHE B 82 -15.44 32.96 6.29
C PHE B 82 -14.95 33.35 4.88
N THR B 83 -13.63 33.54 4.75
CA THR B 83 -13.01 33.99 3.49
C THR B 83 -12.35 32.87 2.68
N ILE B 84 -12.74 32.78 1.43
CA ILE B 84 -12.25 31.72 0.58
C ILE B 84 -11.50 32.25 -0.62
N LYS B 85 -10.22 31.92 -0.71
CA LYS B 85 -9.45 32.18 -1.93
C LYS B 85 -9.33 30.83 -2.59
N PHE B 86 -9.51 30.77 -3.90
CA PHE B 86 -9.70 29.50 -4.58
C PHE B 86 -8.40 28.83 -5.05
N GLN B 87 -7.26 29.30 -4.57
CA GLN B 87 -5.97 28.62 -4.70
C GLN B 87 -5.99 27.32 -3.89
N GLU B 88 -4.94 26.51 -3.92
CA GLU B 88 -4.82 25.46 -2.89
C GLU B 88 -4.22 26.06 -1.66
N PHE B 89 -3.86 25.22 -0.71
CA PHE B 89 -3.20 25.72 0.48
C PHE B 89 -4.03 26.75 1.31
N SER B 90 -5.24 26.35 1.67
CA SER B 90 -5.99 27.03 2.72
C SER B 90 -5.45 26.55 4.06
N PRO B 91 -5.65 27.35 5.13
CA PRO B 91 -5.18 26.96 6.46
C PRO B 91 -6.17 26.10 7.21
N ASN B 92 -6.72 25.08 6.55
CA ASN B 92 -7.87 24.33 7.01
C ASN B 92 -7.37 23.14 7.79
N TYR B 93 -8.08 22.74 8.84
CA TYR B 93 -7.51 21.69 9.67
C TYR B 93 -7.46 20.37 8.93
N MET B 94 -8.55 20.06 8.25
CA MET B 94 -8.66 18.79 7.54
C MET B 94 -7.90 18.82 6.25
N GLY B 95 -7.57 20.03 5.84
CA GLY B 95 -6.79 20.26 4.63
C GLY B 95 -7.85 20.47 3.60
N LEU B 96 -7.63 21.44 2.72
CA LEU B 96 -8.62 21.69 1.73
C LEU B 96 -7.88 22.23 0.52
N GLU B 97 -8.10 21.64 -0.64
CA GLU B 97 -7.39 22.09 -1.82
C GLU B 97 -8.38 22.47 -2.86
N PHE B 98 -8.17 23.64 -3.47
CA PHE B 98 -9.01 24.03 -4.57
C PHE B 98 -8.29 23.89 -5.90
N LYS B 99 -8.76 22.95 -6.71
CA LYS B 99 -8.11 22.60 -7.95
C LYS B 99 -9.02 22.92 -9.12
N LYS B 100 -8.45 23.14 -10.32
CA LYS B 100 -9.30 23.44 -11.48
C LYS B 100 -10.17 22.24 -11.86
N TYR B 101 -11.37 22.54 -12.36
CA TYR B 101 -12.32 21.54 -12.87
C TYR B 101 -12.78 20.56 -11.78
N HIS B 102 -12.87 21.03 -10.55
CA HIS B 102 -13.37 20.20 -9.46
C HIS B 102 -14.61 20.82 -8.87
N ASP B 103 -15.46 19.98 -8.28
CA ASP B 103 -16.72 20.46 -7.76
C ASP B 103 -16.57 20.36 -6.26
N TYR B 104 -17.04 21.40 -5.56
CA TYR B 104 -16.90 21.50 -4.09
C TYR B 104 -18.28 21.79 -3.47
N TYR B 105 -18.59 21.17 -2.32
CA TYR B 105 -19.93 21.31 -1.76
C TYR B 105 -19.96 21.75 -0.29
N ILE B 106 -20.70 22.83 -0.01
CA ILE B 106 -20.88 23.34 1.35
C ILE B 106 -22.36 23.27 1.73
N THR B 107 -22.68 22.71 2.90
CA THR B 107 -24.09 22.62 3.29
C THR B 107 -24.28 22.41 4.78
N SER B 108 -25.49 22.64 5.28
CA SER B 108 -25.78 22.46 6.70
C SER B 108 -26.92 21.51 6.95
N THR B 109 -26.76 20.70 8.00
CA THR B 109 -27.81 19.83 8.49
C THR B 109 -28.42 20.34 9.81
N SER B 110 -28.09 21.56 10.22
CA SER B 110 -28.64 22.09 11.47
C SER B 110 -30.14 22.49 11.38
N ASN B 111 -30.78 22.61 12.56
CA ASN B 111 -32.21 22.95 12.65
C ASN B 111 -32.42 24.37 12.17
N GLY B 112 -31.56 25.26 12.65
CA GLY B 112 -31.79 26.67 12.49
C GLY B 112 -32.12 27.17 13.88
N SER B 113 -32.02 26.27 14.85
CA SER B 113 -32.27 26.62 16.25
C SER B 113 -31.13 26.13 17.13
N LEU B 114 -31.00 26.73 18.31
CA LEU B 114 -29.90 26.41 19.20
C LEU B 114 -29.86 24.92 19.54
N GLU B 115 -31.03 24.33 19.76
CA GLU B 115 -31.12 22.93 20.14
C GLU B 115 -30.68 21.99 19.02
N GLY B 116 -30.98 22.38 17.79
CA GLY B 116 -30.66 21.58 16.63
C GLY B 116 -29.43 22.06 15.89
N LEU B 117 -28.51 22.73 16.59
CA LEU B 117 -27.27 23.20 15.96
C LEU B 117 -26.42 22.02 15.49
N GLU B 118 -26.42 20.96 16.29
CA GLU B 118 -25.55 19.83 16.05
C GLU B 118 -26.15 18.71 15.18
N ASN B 119 -27.36 18.89 14.64
CA ASN B 119 -27.93 17.81 13.82
C ASN B 119 -27.10 17.50 12.59
N ARG B 120 -26.75 16.21 12.43
CA ARG B 120 -25.93 15.78 11.31
C ARG B 120 -26.76 15.26 10.11
N GLU B 121 -28.01 14.88 10.34
CA GLU B 121 -28.82 14.25 9.31
C GLU B 121 -29.88 15.22 8.81
N GLY B 122 -30.12 15.31 7.51
CA GLY B 122 -31.21 16.15 7.02
C GLY B 122 -31.06 17.66 7.15
N GLY B 123 -31.87 18.26 8.01
CA GLY B 123 -31.82 19.70 8.32
C GLY B 123 -32.17 20.66 7.19
N VAL B 124 -31.64 21.87 7.26
CA VAL B 124 -31.99 22.94 6.32
C VAL B 124 -31.66 22.56 4.88
N CYS B 125 -30.77 21.57 4.76
CA CYS B 125 -30.32 21.05 3.48
C CYS B 125 -31.49 20.52 2.66
N ARG B 126 -32.35 19.77 3.35
CA ARG B 126 -33.57 19.14 2.79
C ARG B 126 -34.69 20.12 2.50
N THR B 127 -34.86 21.06 3.42
CA THR B 127 -36.02 21.91 3.43
C THR B 127 -35.83 23.10 2.47
N ARG B 128 -34.98 24.08 2.80
CA ARG B 128 -34.75 25.21 1.88
C ARG B 128 -33.70 24.90 0.82
N THR B 129 -33.06 23.74 0.96
CA THR B 129 -31.94 23.30 0.12
C THR B 129 -30.93 24.42 0.08
N MET B 130 -30.42 24.71 1.27
CA MET B 130 -29.36 25.69 1.46
C MET B 130 -28.06 24.92 1.28
N LYS B 131 -27.37 25.17 0.18
CA LYS B 131 -26.13 24.47 -0.09
C LYS B 131 -25.46 25.28 -1.17
N ILE B 132 -24.15 25.13 -1.27
CA ILE B 132 -23.38 25.87 -2.25
C ILE B 132 -22.53 24.89 -3.02
N VAL B 133 -22.65 24.92 -4.35
CA VAL B 133 -21.77 24.11 -5.15
C VAL B 133 -20.85 25.02 -5.94
N MET B 134 -19.60 24.58 -6.07
CA MET B 134 -18.58 25.38 -6.71
C MET B 134 -17.92 24.55 -7.79
N LYS B 135 -18.15 24.92 -9.03
CA LYS B 135 -17.44 24.27 -10.12
C LYS B 135 -16.40 25.29 -10.55
N VAL B 136 -15.16 25.00 -10.15
CA VAL B 136 -14.06 25.89 -10.40
C VAL B 136 -13.53 25.70 -11.82
N GLY B 137 -13.39 26.80 -12.55
CA GLY B 137 -12.89 26.75 -13.92
C GLY B 137 -13.85 26.09 -14.90
N GLN B 138 -15.14 26.44 -14.77
CA GLN B 138 -16.17 26.03 -15.72
C GLN B 138 -16.92 27.30 -16.19
N ASP B 139 -17.51 27.26 -17.38
CA ASP B 139 -18.18 28.44 -17.94
C ASP B 139 -19.71 28.38 -17.80
N PRO C 15 -10.75 5.53 -23.91
CA PRO C 15 -10.59 4.95 -22.56
C PRO C 15 -11.61 5.53 -21.56
N LYS C 16 -12.30 4.67 -20.82
CA LYS C 16 -13.32 5.11 -19.87
C LYS C 16 -12.67 5.72 -18.63
N ILE C 17 -13.47 6.12 -17.65
CA ILE C 17 -12.95 6.85 -16.49
C ILE C 17 -12.78 5.95 -15.23
N PHE C 18 -11.53 5.74 -14.84
CA PHE C 18 -11.22 4.98 -13.64
C PHE C 18 -9.80 5.30 -13.21
N CYS C 19 -9.38 4.76 -12.07
CA CYS C 19 -8.10 5.13 -11.48
C CYS C 19 -6.92 4.47 -12.18
N LYS C 20 -6.09 5.30 -12.83
CA LYS C 20 -4.96 4.82 -13.61
C LYS C 20 -3.55 5.07 -12.99
N SER C 21 -3.48 5.38 -11.71
CA SER C 21 -2.20 5.69 -11.06
C SER C 21 -2.22 5.30 -9.58
N VAL C 22 -1.14 5.60 -8.85
CA VAL C 22 -0.95 5.10 -7.50
C VAL C 22 -2.14 5.52 -6.64
N SER C 23 -2.53 4.68 -5.69
CA SER C 23 -3.62 5.01 -4.76
C SER C 23 -3.45 4.20 -3.48
N LYS C 24 -3.84 4.79 -2.36
CA LYS C 24 -3.77 4.07 -1.10
C LYS C 24 -5.18 3.89 -0.62
N ASP C 25 -5.42 2.72 -0.05
CA ASP C 25 -6.73 2.39 0.49
C ASP C 25 -7.87 2.76 -0.52
N PRO C 26 -7.96 1.99 -1.64
CA PRO C 26 -8.96 2.30 -2.67
C PRO C 26 -10.28 1.57 -2.43
N ASP C 27 -11.31 1.87 -3.21
CA ASP C 27 -12.60 1.24 -2.97
C ASP C 27 -12.96 0.34 -4.13
N PHE C 28 -12.83 -0.96 -3.88
CA PHE C 28 -13.06 -1.95 -4.92
C PHE C 28 -14.51 -2.39 -5.00
N ARG C 29 -15.27 -2.01 -3.98
CA ARG C 29 -16.62 -2.50 -3.79
C ARG C 29 -16.62 -4.01 -3.82
N LEU C 30 -15.76 -4.61 -3.00
CA LEU C 30 -15.62 -6.05 -3.01
C LEU C 30 -16.88 -6.73 -2.48
N LYS C 31 -17.48 -7.58 -3.28
CA LYS C 31 -18.57 -8.40 -2.78
C LYS C 31 -18.27 -9.86 -3.08
N GLN C 32 -18.56 -10.76 -2.14
CA GLN C 32 -18.38 -12.17 -2.47
C GLN C 32 -19.64 -12.79 -3.06
N ILE C 33 -19.51 -13.64 -4.07
CA ILE C 33 -20.69 -14.31 -4.60
C ILE C 33 -20.79 -15.75 -4.13
N ASP C 34 -21.74 -16.06 -3.27
CA ASP C 34 -21.77 -17.44 -2.77
C ASP C 34 -22.78 -18.40 -3.45
N TYR C 35 -23.62 -17.90 -4.35
CA TYR C 35 -24.74 -18.74 -4.82
C TYR C 35 -24.52 -19.49 -6.15
N VAL C 36 -23.30 -19.45 -6.70
CA VAL C 36 -22.99 -20.15 -7.98
C VAL C 36 -22.37 -21.54 -7.78
N ILE C 37 -21.33 -21.57 -6.95
CA ILE C 37 -20.62 -22.81 -6.69
C ILE C 37 -21.43 -23.62 -5.69
N PRO C 38 -21.72 -24.90 -6.03
CA PRO C 38 -22.46 -25.81 -5.14
C PRO C 38 -21.79 -25.94 -3.78
N VAL C 39 -22.57 -26.32 -2.76
CA VAL C 39 -21.98 -26.64 -1.45
C VAL C 39 -22.17 -28.13 -1.26
N GLN C 40 -21.24 -28.75 -0.54
CA GLN C 40 -21.23 -30.20 -0.45
C GLN C 40 -21.75 -30.62 0.92
N GLN C 41 -22.71 -31.55 0.89
CA GLN C 41 -23.27 -32.16 2.09
C GLN C 41 -22.20 -33.06 2.71
N ASP C 42 -21.57 -33.88 1.87
CA ASP C 42 -20.55 -34.80 2.33
C ASP C 42 -19.30 -34.03 2.71
N ARG C 43 -18.77 -34.28 3.90
CA ARG C 43 -17.71 -33.44 4.41
C ARG C 43 -16.34 -34.01 4.13
N SER C 44 -16.31 -35.19 3.51
CA SER C 44 -15.05 -35.78 3.02
C SER C 44 -14.66 -35.27 1.62
N ILE C 45 -15.66 -34.93 0.79
CA ILE C 45 -15.42 -34.44 -0.56
C ILE C 45 -14.59 -33.15 -0.53
N CYS C 46 -13.68 -33.03 -1.49
CA CYS C 46 -12.79 -31.87 -1.62
C CYS C 46 -13.13 -31.21 -2.97
N MET C 47 -13.42 -29.90 -2.96
CA MET C 47 -13.76 -29.17 -4.18
C MET C 47 -12.64 -28.20 -4.57
N ASN C 48 -11.92 -28.53 -5.65
CA ASN C 48 -10.62 -27.92 -5.94
C ASN C 48 -10.37 -27.55 -7.40
N ASN C 49 -9.26 -26.84 -7.62
CA ASN C 49 -8.80 -26.40 -8.94
C ASN C 49 -9.93 -25.82 -9.77
N PRO C 50 -10.42 -24.65 -9.36
CA PRO C 50 -11.53 -23.97 -10.03
C PRO C 50 -11.06 -23.33 -11.32
N LEU C 51 -11.93 -23.25 -12.30
CA LEU C 51 -11.57 -22.65 -13.58
C LEU C 51 -12.71 -21.78 -14.09
N LEU C 52 -12.48 -20.53 -14.48
CA LEU C 52 -13.60 -19.74 -15.00
C LEU C 52 -13.20 -18.99 -16.25
N ASP C 53 -14.05 -19.03 -17.27
CA ASP C 53 -13.80 -18.24 -18.45
C ASP C 53 -15.06 -17.46 -18.81
N ILE C 54 -14.91 -16.14 -18.94
CA ILE C 54 -16.05 -15.24 -19.19
C ILE C 54 -15.93 -14.57 -20.55
N SER C 55 -16.91 -14.73 -21.44
CA SER C 55 -16.87 -14.00 -22.70
C SER C 55 -18.24 -13.57 -23.20
N ASP C 56 -18.34 -12.30 -23.62
CA ASP C 56 -19.55 -11.74 -24.25
C ASP C 56 -20.77 -11.90 -23.37
N GLY C 57 -20.57 -11.72 -22.08
CA GLY C 57 -21.64 -11.73 -21.12
C GLY C 57 -22.03 -13.08 -20.60
N PHE C 58 -21.37 -14.13 -21.07
CA PHE C 58 -21.62 -15.49 -20.55
C PHE C 58 -20.38 -16.11 -19.94
N PHE C 59 -20.57 -17.06 -19.04
CA PHE C 59 -19.42 -17.62 -18.37
C PHE C 59 -19.47 -19.13 -18.31
N THR C 60 -18.30 -19.76 -18.18
CA THR C 60 -18.18 -21.19 -17.92
C THR C 60 -17.31 -21.50 -16.71
N TYR C 61 -17.87 -22.20 -15.73
CA TYR C 61 -17.14 -22.53 -14.50
C TYR C 61 -16.90 -24.05 -14.46
N ILE C 62 -15.78 -24.47 -13.84
CA ILE C 62 -15.37 -25.86 -13.77
C ILE C 62 -14.73 -26.14 -12.45
N HIS C 63 -15.01 -27.28 -11.84
CA HIS C 63 -14.24 -27.59 -10.63
C HIS C 63 -14.15 -29.10 -10.36
N TYR C 64 -13.20 -29.48 -9.52
CA TYR C 64 -12.82 -30.88 -9.37
C TYR C 64 -13.18 -31.38 -7.99
N GLU C 65 -14.17 -32.27 -7.89
CA GLU C 65 -14.56 -32.83 -6.59
C GLU C 65 -13.97 -34.22 -6.44
N GLY C 66 -13.22 -34.43 -5.37
CA GLY C 66 -12.57 -35.72 -5.18
C GLY C 66 -12.36 -36.03 -3.72
N ILE C 67 -12.27 -37.32 -3.39
CA ILE C 67 -12.42 -37.73 -2.00
C ILE C 67 -11.12 -37.72 -1.25
N ASN C 68 -11.01 -36.76 -0.34
CA ASN C 68 -9.84 -36.59 0.51
C ASN C 68 -8.57 -36.30 -0.30
N SER C 69 -8.73 -35.90 -1.55
CA SER C 69 -7.58 -35.49 -2.35
C SER C 69 -7.95 -34.35 -3.31
N CYS C 70 -7.06 -33.38 -3.38
CA CYS C 70 -7.22 -32.19 -4.22
C CYS C 70 -6.44 -32.24 -5.54
N LYS C 71 -6.01 -33.43 -5.97
CA LYS C 71 -5.49 -33.62 -7.32
C LYS C 71 -6.63 -33.87 -8.31
N LYS C 72 -6.49 -33.36 -9.52
CA LYS C 72 -7.51 -33.47 -10.56
C LYS C 72 -7.75 -34.89 -11.07
N SER C 73 -6.72 -35.73 -11.03
CA SER C 73 -6.80 -37.14 -11.46
C SER C 73 -7.66 -37.99 -10.52
N ASP C 74 -7.48 -37.68 -9.22
CA ASP C 74 -8.15 -38.33 -8.09
C ASP C 74 -9.62 -38.04 -8.04
N SER C 75 -9.99 -36.88 -8.57
CA SER C 75 -11.35 -36.40 -8.47
C SER C 75 -12.35 -37.41 -9.10
N PHE C 76 -13.39 -37.75 -8.34
CA PHE C 76 -14.31 -38.75 -8.82
C PHE C 76 -15.53 -38.10 -9.48
N LYS C 77 -15.65 -36.79 -9.32
CA LYS C 77 -16.61 -36.02 -10.10
C LYS C 77 -16.05 -34.65 -10.41
N VAL C 78 -16.23 -34.19 -11.64
CA VAL C 78 -15.84 -32.84 -11.99
C VAL C 78 -17.04 -32.14 -12.61
N LEU C 79 -17.29 -30.92 -12.12
CA LEU C 79 -18.50 -30.16 -12.43
C LEU C 79 -18.29 -29.17 -13.57
N LEU C 80 -19.23 -29.20 -14.51
CA LEU C 80 -19.25 -28.23 -15.60
C LEU C 80 -20.48 -27.35 -15.53
N SER C 81 -20.32 -26.04 -15.60
CA SER C 81 -21.48 -25.15 -15.53
C SER C 81 -21.42 -23.92 -16.43
N HIS C 82 -22.58 -23.63 -17.02
CA HIS C 82 -22.75 -22.52 -17.94
C HIS C 82 -23.64 -21.48 -17.32
N GLY C 83 -23.34 -20.23 -17.61
CA GLY C 83 -24.14 -19.16 -17.07
C GLY C 83 -24.02 -17.84 -17.80
N GLU C 84 -24.62 -16.83 -17.17
CA GLU C 84 -24.71 -15.52 -17.76
C GLU C 84 -24.46 -14.43 -16.73
N ILE C 85 -23.86 -13.34 -17.20
CA ILE C 85 -23.75 -12.09 -16.47
C ILE C 85 -24.97 -11.23 -16.77
N VAL C 86 -25.64 -10.76 -15.72
CA VAL C 86 -26.89 -10.02 -15.90
C VAL C 86 -27.00 -8.89 -14.87
N ASP C 87 -27.58 -7.77 -15.31
CA ASP C 87 -27.79 -6.57 -14.49
C ASP C 87 -29.08 -6.65 -13.65
N ARG C 88 -28.93 -6.61 -12.32
CA ARG C 88 -30.04 -6.80 -11.40
C ARG C 88 -30.65 -5.51 -10.88
N GLY C 89 -30.04 -4.40 -11.31
CA GLY C 89 -30.37 -3.04 -10.86
C GLY C 89 -29.63 -2.70 -9.58
N ASP C 90 -28.60 -3.50 -9.37
CA ASP C 90 -27.92 -3.67 -8.11
C ASP C 90 -26.82 -2.65 -7.93
N TYR C 91 -26.51 -2.00 -9.05
CA TYR C 91 -25.31 -1.17 -9.25
C TYR C 91 -24.00 -1.99 -9.25
N ARG C 92 -24.13 -3.29 -9.55
CA ARG C 92 -23.00 -4.22 -9.73
C ARG C 92 -23.40 -5.31 -10.72
N PRO C 93 -22.44 -5.91 -11.45
CA PRO C 93 -22.75 -7.08 -12.30
C PRO C 93 -22.97 -8.36 -11.49
N SER C 94 -23.90 -9.21 -11.93
CA SER C 94 -24.20 -10.42 -11.15
C SER C 94 -24.31 -11.68 -11.99
N LEU C 95 -24.00 -12.80 -11.36
CA LEU C 95 -23.94 -14.06 -12.08
C LEU C 95 -25.24 -14.84 -11.99
N TYR C 96 -25.75 -15.29 -13.14
CA TYR C 96 -26.95 -16.11 -13.17
C TYR C 96 -26.55 -17.49 -13.68
N LEU C 97 -26.84 -18.54 -12.91
CA LEU C 97 -26.42 -19.89 -13.30
C LEU C 97 -27.51 -20.65 -14.04
N LEU C 98 -27.33 -20.79 -15.35
CA LEU C 98 -28.30 -21.43 -16.22
C LEU C 98 -28.23 -22.97 -16.28
N SER C 99 -27.03 -23.56 -16.33
CA SER C 99 -26.87 -25.04 -16.49
C SER C 99 -25.79 -25.66 -15.63
N SER C 100 -26.05 -26.84 -15.09
CA SER C 100 -25.01 -27.62 -14.40
C SER C 100 -25.08 -29.12 -14.69
N HIS C 101 -23.92 -29.66 -15.03
CA HIS C 101 -23.76 -31.08 -15.35
C HIS C 101 -22.48 -31.62 -14.73
N TYR C 102 -22.37 -32.95 -14.71
CA TYR C 102 -21.12 -33.59 -14.32
C TYR C 102 -20.49 -34.21 -15.57
N HIS C 103 -19.16 -34.26 -15.63
CA HIS C 103 -18.45 -34.79 -16.80
C HIS C 103 -18.57 -36.29 -16.82
N PRO C 104 -18.92 -36.85 -17.98
CA PRO C 104 -19.15 -38.30 -18.12
C PRO C 104 -18.01 -39.16 -17.56
N TYR C 105 -16.80 -38.75 -17.85
CA TYR C 105 -15.60 -39.52 -17.55
C TYR C 105 -14.85 -39.15 -16.26
N SER C 106 -15.49 -38.38 -15.40
CA SER C 106 -14.87 -37.67 -14.27
C SER C 106 -13.80 -38.39 -13.42
N MET C 107 -13.94 -39.68 -13.15
CA MET C 107 -12.88 -40.39 -12.40
C MET C 107 -11.55 -40.52 -13.17
N GLN C 108 -11.67 -40.62 -14.50
CA GLN C 108 -10.57 -40.84 -15.44
C GLN C 108 -9.98 -39.56 -16.02
N VAL C 109 -10.41 -38.41 -15.53
CA VAL C 109 -9.97 -37.12 -16.06
C VAL C 109 -8.60 -36.78 -15.49
N ILE C 110 -7.67 -36.54 -16.43
CA ILE C 110 -6.36 -35.96 -16.17
C ILE C 110 -6.41 -34.43 -16.10
N ASN C 111 -6.99 -33.80 -17.13
CA ASN C 111 -7.07 -32.33 -17.15
C ASN C 111 -8.09 -31.68 -18.07
N CYS C 112 -8.48 -30.44 -17.76
CA CYS C 112 -9.51 -29.70 -18.51
C CYS C 112 -9.25 -28.23 -18.68
N VAL C 113 -9.70 -27.68 -19.80
CA VAL C 113 -9.71 -26.25 -19.94
C VAL C 113 -11.01 -25.78 -20.60
N PRO C 114 -11.64 -24.74 -20.00
CA PRO C 114 -12.90 -24.12 -20.43
C PRO C 114 -12.73 -23.12 -21.52
N VAL C 115 -13.64 -23.02 -22.45
CA VAL C 115 -13.68 -21.80 -23.25
C VAL C 115 -15.12 -21.49 -23.69
N THR C 116 -15.46 -20.21 -23.61
CA THR C 116 -16.81 -19.72 -23.85
C THR C 116 -16.93 -19.08 -25.20
N CYS C 117 -17.86 -19.59 -26.00
CA CYS C 117 -17.96 -19.11 -27.38
C CYS C 117 -19.42 -19.03 -27.85
N ASN C 118 -19.78 -17.92 -28.47
CA ASN C 118 -21.13 -17.69 -28.99
C ASN C 118 -22.23 -18.12 -28.00
N GLN C 119 -22.12 -17.59 -26.80
CA GLN C 119 -23.09 -17.76 -25.72
C GLN C 119 -23.33 -19.21 -25.33
N SER C 120 -22.34 -20.06 -25.63
CA SER C 120 -22.37 -21.47 -25.23
C SER C 120 -21.05 -21.87 -24.57
N SER C 121 -21.08 -22.87 -23.71
CA SER C 121 -19.87 -23.28 -22.98
C SER C 121 -19.22 -24.54 -23.57
N PHE C 122 -17.88 -24.53 -23.69
CA PHE C 122 -17.15 -25.71 -24.15
C PHE C 122 -16.11 -26.16 -23.14
N VAL C 123 -15.93 -27.48 -23.02
CA VAL C 123 -14.90 -27.94 -22.10
C VAL C 123 -14.02 -29.01 -22.75
N PHE C 124 -12.75 -28.66 -22.93
CA PHE C 124 -11.79 -29.51 -23.61
C PHE C 124 -11.03 -30.34 -22.57
N CYS C 125 -10.84 -31.62 -22.87
CA CYS C 125 -10.44 -32.60 -21.84
C CYS C 125 -9.47 -33.69 -22.22
N HIS C 126 -8.60 -34.02 -21.27
CA HIS C 126 -7.57 -35.05 -21.38
C HIS C 126 -7.86 -36.17 -20.37
N ILE C 127 -8.18 -37.34 -20.94
CA ILE C 127 -8.71 -38.51 -20.23
C ILE C 127 -7.79 -39.72 -20.42
N SER C 128 -7.37 -40.33 -19.31
CA SER C 128 -6.53 -41.52 -19.37
C SER C 128 -6.81 -42.47 -18.22
N ASN C 129 -6.76 -43.77 -18.52
CA ASN C 129 -6.90 -44.79 -17.49
C ASN C 129 -5.71 -44.77 -16.56
N ASN C 130 -4.64 -44.14 -17.07
CA ASN C 130 -3.36 -44.07 -16.41
C ASN C 130 -3.14 -42.71 -15.73
N THR C 131 -2.97 -42.73 -14.42
CA THR C 131 -2.74 -41.53 -13.64
C THR C 131 -1.37 -40.93 -13.93
N LYS C 132 -0.45 -41.81 -14.31
CA LYS C 132 0.96 -41.46 -14.51
C LYS C 132 1.31 -41.11 -15.95
N THR C 133 0.30 -40.97 -16.81
CA THR C 133 0.52 -40.74 -18.23
C THR C 133 1.27 -39.42 -18.33
N LEU C 134 1.85 -39.15 -19.49
CA LEU C 134 2.72 -37.97 -19.68
C LEU C 134 4.12 -38.27 -19.12
N ASP C 135 4.25 -39.29 -18.29
CA ASP C 135 5.59 -39.79 -17.92
C ASP C 135 5.94 -41.02 -18.71
N ASN C 136 5.21 -42.10 -18.43
CA ASN C 136 5.43 -43.35 -19.10
C ASN C 136 4.71 -43.51 -20.45
N SER C 137 3.64 -42.77 -20.69
CA SER C 137 2.84 -43.11 -21.87
C SER C 137 2.93 -42.07 -22.98
N ASP C 138 2.15 -42.26 -24.03
CA ASP C 138 2.11 -41.35 -25.18
C ASP C 138 0.67 -40.94 -25.55
N TYR C 139 0.54 -39.88 -26.34
CA TYR C 139 -0.75 -39.27 -26.55
C TYR C 139 -1.72 -40.04 -27.43
N SER C 140 -1.28 -41.13 -28.03
CA SER C 140 -2.25 -41.96 -28.76
C SER C 140 -2.84 -43.00 -27.80
N SER C 141 -2.26 -43.13 -26.61
CA SER C 141 -2.74 -44.06 -25.59
C SER C 141 -3.90 -43.47 -24.77
N ASP C 142 -4.09 -42.16 -24.88
CA ASP C 142 -5.10 -41.47 -24.09
C ASP C 142 -6.12 -40.90 -25.05
N GLU C 143 -7.16 -40.27 -24.50
CA GLU C 143 -8.26 -39.76 -25.32
C GLU C 143 -8.69 -38.34 -24.95
N TYR C 144 -9.04 -37.57 -25.99
CA TYR C 144 -9.30 -36.15 -25.83
C TYR C 144 -10.71 -35.73 -26.27
N TYR C 145 -11.45 -35.05 -25.38
CA TYR C 145 -12.87 -34.80 -25.59
C TYR C 145 -13.33 -33.35 -25.50
N ILE C 146 -14.23 -32.97 -26.40
CA ILE C 146 -14.95 -31.70 -26.30
C ILE C 146 -16.38 -31.88 -25.79
N THR C 147 -16.66 -31.38 -24.59
CA THR C 147 -17.99 -31.53 -24.02
C THR C 147 -18.70 -30.20 -24.06
N TYR C 148 -19.79 -30.10 -24.81
CA TYR C 148 -20.35 -28.77 -24.94
C TYR C 148 -21.85 -28.67 -24.72
N PHE C 149 -22.22 -27.58 -24.06
CA PHE C 149 -23.63 -27.31 -23.82
C PHE C 149 -23.94 -25.83 -23.69
N ASN C 150 -25.16 -25.56 -23.22
CA ASN C 150 -25.60 -24.19 -23.01
C ASN C 150 -26.80 -24.25 -22.07
N GLY C 151 -27.47 -23.12 -21.87
CA GLY C 151 -28.54 -23.02 -20.89
C GLY C 151 -29.77 -23.83 -21.25
N ILE C 152 -30.08 -23.84 -22.54
CA ILE C 152 -31.22 -24.55 -23.09
C ILE C 152 -30.99 -26.06 -23.25
N ASP C 153 -29.83 -26.42 -23.76
CA ASP C 153 -29.62 -27.80 -24.20
C ASP C 153 -28.90 -28.75 -23.22
N ARG C 154 -28.84 -30.01 -23.65
CA ARG C 154 -28.29 -31.13 -22.90
C ARG C 154 -26.80 -31.34 -23.27
N PRO C 155 -25.95 -31.69 -22.27
CA PRO C 155 -24.53 -31.79 -22.64
C PRO C 155 -24.22 -32.86 -23.67
N LYS C 156 -23.35 -32.55 -24.62
CA LYS C 156 -22.94 -33.57 -25.59
C LYS C 156 -21.42 -33.50 -25.80
N THR C 157 -20.77 -34.64 -25.57
CA THR C 157 -19.33 -34.70 -25.58
C THR C 157 -18.82 -35.52 -26.77
N LYS C 158 -18.18 -34.83 -27.72
CA LYS C 158 -17.59 -35.45 -28.91
C LYS C 158 -16.13 -35.86 -28.65
N LYS C 159 -15.75 -37.02 -29.20
CA LYS C 159 -14.37 -37.46 -29.14
C LYS C 159 -13.61 -36.79 -30.29
N ILE C 160 -12.55 -36.07 -29.94
CA ILE C 160 -11.76 -35.33 -30.92
C ILE C 160 -10.69 -36.28 -31.51
N PRO C 161 -10.64 -36.35 -32.85
CA PRO C 161 -9.81 -37.22 -33.69
C PRO C 161 -8.36 -36.81 -33.81
N ILE C 162 -7.53 -37.19 -32.86
CA ILE C 162 -6.14 -36.78 -32.90
C ILE C 162 -5.44 -37.43 -34.09
N ASN C 163 -6.00 -38.53 -34.61
CA ASN C 163 -5.38 -39.26 -35.71
C ASN C 163 -5.09 -38.39 -36.93
N ASN C 164 -5.96 -37.42 -37.22
CA ASN C 164 -5.59 -36.35 -38.14
C ASN C 164 -5.21 -35.13 -37.32
N MET C 165 -3.92 -34.89 -37.12
CA MET C 165 -3.45 -33.67 -36.46
C MET C 165 -2.07 -33.34 -36.99
N THR C 166 -1.81 -32.07 -37.28
CA THR C 166 -0.50 -31.73 -37.81
C THR C 166 0.35 -30.93 -36.79
N ALA C 167 1.37 -31.59 -36.25
CA ALA C 167 2.18 -30.96 -35.23
C ALA C 167 3.34 -30.20 -35.86
N ASP C 168 3.69 -29.06 -35.25
CA ASP C 168 4.74 -28.21 -35.81
C ASP C 168 6.11 -28.73 -35.36
N ASN C 169 6.08 -29.83 -34.63
CA ASN C 169 7.30 -30.48 -34.17
C ASN C 169 6.97 -31.94 -33.89
N ARG C 170 7.93 -32.72 -33.41
CA ARG C 170 7.64 -34.12 -33.15
C ARG C 170 7.39 -34.27 -31.65
N TYR C 171 6.11 -34.35 -31.28
CA TYR C 171 5.71 -34.41 -29.87
C TYR C 171 5.17 -35.80 -29.59
N ILE C 172 5.59 -36.38 -28.46
CA ILE C 172 5.10 -37.70 -28.08
C ILE C 172 3.85 -37.72 -27.18
N HIS C 173 3.50 -36.58 -26.56
CA HIS C 173 2.36 -36.49 -25.62
C HIS C 173 1.93 -35.05 -25.47
N PHE C 174 0.70 -34.83 -25.02
CA PHE C 174 0.23 -33.50 -24.61
C PHE C 174 -0.98 -33.53 -23.68
N THR C 175 -1.21 -32.41 -23.01
CA THR C 175 -2.29 -32.24 -22.05
C THR C 175 -2.94 -30.87 -22.32
N PHE C 176 -4.26 -30.78 -22.10
CA PHE C 176 -4.92 -29.48 -22.01
C PHE C 176 -4.65 -28.94 -20.63
N SER C 177 -3.96 -27.81 -20.55
CA SER C 177 -3.61 -27.28 -19.26
C SER C 177 -3.70 -25.78 -19.28
N GLY C 178 -4.48 -25.24 -18.34
CA GLY C 178 -4.63 -23.80 -18.24
C GLY C 178 -5.94 -23.34 -17.64
N GLY C 179 -6.18 -22.02 -17.72
CA GLY C 179 -7.35 -21.40 -17.13
C GLY C 179 -8.44 -21.11 -18.11
N GLY C 180 -8.12 -21.12 -19.40
CA GLY C 180 -9.15 -20.95 -20.39
C GLY C 180 -8.60 -20.75 -21.77
N GLY C 181 -9.41 -21.05 -22.76
CA GLY C 181 -8.98 -20.91 -24.11
C GLY C 181 -9.69 -19.75 -24.72
N VAL C 182 -9.63 -19.65 -26.03
CA VAL C 182 -10.34 -18.58 -26.69
C VAL C 182 -10.98 -19.06 -27.97
N CYS C 183 -11.92 -18.26 -28.42
CA CYS C 183 -12.63 -18.52 -29.65
C CYS C 183 -12.48 -17.36 -30.60
N LEU C 184 -11.82 -17.58 -31.73
CA LEU C 184 -11.72 -16.53 -32.73
C LEU C 184 -12.25 -17.05 -34.04
N GLY C 185 -13.38 -16.50 -34.46
CA GLY C 185 -14.06 -17.00 -35.64
C GLY C 185 -14.60 -18.40 -35.42
N GLU C 186 -14.22 -19.30 -36.33
CA GLU C 186 -14.70 -20.68 -36.29
C GLU C 186 -13.71 -21.63 -35.62
N GLU C 187 -12.56 -21.11 -35.19
CA GLU C 187 -11.55 -21.97 -34.59
C GLU C 187 -11.21 -21.63 -33.13
N PHE C 188 -11.07 -22.70 -32.35
CA PHE C 188 -10.71 -22.66 -30.93
C PHE C 188 -9.20 -22.69 -30.75
N ILE C 189 -8.72 -22.01 -29.73
CA ILE C 189 -7.29 -22.06 -29.45
C ILE C 189 -7.15 -22.37 -27.98
N ILE C 190 -6.51 -23.49 -27.65
CA ILE C 190 -6.47 -23.94 -26.26
C ILE C 190 -5.08 -24.09 -25.71
N PRO C 191 -4.84 -23.65 -24.48
CA PRO C 191 -3.57 -23.89 -23.83
C PRO C 191 -3.28 -25.36 -23.68
N VAL C 192 -2.09 -25.75 -24.13
CA VAL C 192 -1.62 -27.12 -23.99
C VAL C 192 -0.20 -27.12 -23.44
N THR C 193 0.16 -28.20 -22.78
CA THR C 193 1.54 -28.43 -22.41
C THR C 193 1.93 -29.72 -23.11
N THR C 194 3.10 -29.77 -23.75
CA THR C 194 3.47 -30.95 -24.55
C THR C 194 4.79 -31.63 -24.09
N VAL C 195 5.04 -32.80 -24.69
CA VAL C 195 6.20 -33.60 -24.37
C VAL C 195 7.01 -34.03 -25.62
N ILE C 196 8.33 -33.90 -25.49
CA ILE C 196 9.28 -34.48 -26.41
C ILE C 196 10.39 -35.05 -25.55
N ASN C 197 10.91 -36.18 -26.01
CA ASN C 197 11.89 -37.00 -25.32
C ASN C 197 13.33 -36.64 -25.68
N THR C 198 13.49 -35.69 -26.61
CA THR C 198 14.79 -35.19 -27.09
C THR C 198 14.91 -33.66 -26.98
N ASP C 199 16.08 -33.14 -26.63
CA ASP C 199 16.16 -31.71 -26.35
C ASP C 199 16.46 -30.91 -27.63
N VAL C 200 15.43 -30.31 -28.19
CA VAL C 200 15.54 -29.55 -29.45
C VAL C 200 15.59 -28.03 -29.21
N PHE C 201 15.70 -27.63 -27.94
CA PHE C 201 15.41 -26.26 -27.50
C PHE C 201 16.66 -25.42 -27.29
N THR C 202 16.53 -24.12 -27.57
CA THR C 202 17.61 -23.15 -27.40
C THR C 202 17.25 -22.08 -26.40
N HIS C 203 18.04 -21.92 -25.35
CA HIS C 203 17.72 -20.85 -24.41
C HIS C 203 18.81 -19.79 -24.38
N ASP C 204 18.57 -18.67 -25.08
CA ASP C 204 19.48 -17.53 -25.05
C ASP C 204 19.19 -16.71 -23.83
N TYR C 205 17.91 -16.38 -23.65
CA TYR C 205 17.44 -15.58 -22.53
C TYR C 205 18.00 -16.15 -21.22
N CYS C 206 17.83 -17.45 -21.08
CA CYS C 206 18.28 -18.14 -19.90
C CYS C 206 19.77 -18.01 -19.73
N GLU C 207 20.51 -18.20 -20.83
CA GLU C 207 21.97 -18.21 -20.83
C GLU C 207 22.54 -16.80 -20.56
N SER C 208 21.70 -15.80 -20.74
CA SER C 208 22.07 -14.39 -20.59
C SER C 208 22.40 -13.95 -19.15
N PHE C 209 21.84 -14.66 -18.17
CA PHE C 209 21.92 -14.22 -16.77
C PHE C 209 23.28 -14.51 -16.17
N ASN C 210 23.95 -13.49 -15.65
CA ASN C 210 25.23 -13.73 -14.96
C ASN C 210 25.14 -13.69 -13.45
N CYS C 211 25.05 -14.87 -12.85
CA CYS C 211 24.82 -14.97 -11.42
C CYS C 211 25.26 -16.34 -10.91
N SER C 212 25.33 -16.48 -9.59
CA SER C 212 25.78 -17.72 -8.97
C SER C 212 24.99 -18.91 -9.46
N VAL C 213 25.69 -20.02 -9.61
CA VAL C 213 25.13 -21.21 -10.22
C VAL C 213 25.62 -22.43 -9.43
N GLN C 214 25.03 -23.61 -9.66
CA GLN C 214 25.56 -24.81 -9.02
C GLN C 214 26.96 -25.05 -9.55
N THR C 215 27.90 -25.20 -8.63
CA THR C 215 29.27 -25.42 -9.02
C THR C 215 29.38 -26.80 -9.67
N GLY C 216 30.30 -26.93 -10.61
CA GLY C 216 30.51 -28.18 -11.32
C GLY C 216 29.48 -28.41 -12.40
N LYS C 217 28.66 -27.41 -12.68
CA LYS C 217 27.71 -27.54 -13.77
C LYS C 217 27.59 -26.21 -14.51
N SER C 218 27.71 -26.24 -15.84
CA SER C 218 27.66 -25.03 -16.67
C SER C 218 26.29 -24.36 -16.70
N LEU C 219 26.25 -23.09 -17.11
CA LEU C 219 24.97 -22.42 -17.20
C LEU C 219 24.13 -23.07 -18.26
N LYS C 220 24.72 -23.21 -19.46
CA LYS C 220 24.03 -23.77 -20.63
C LYS C 220 23.48 -25.17 -20.32
N GLU C 221 24.23 -25.93 -19.53
CA GLU C 221 23.80 -27.25 -19.10
C GLU C 221 22.54 -27.14 -18.26
N ILE C 222 22.56 -26.21 -17.31
CA ILE C 222 21.43 -26.04 -16.40
C ILE C 222 20.17 -25.61 -17.13
N CYS C 223 20.33 -24.59 -17.97
CA CYS C 223 19.23 -24.04 -18.72
C CYS C 223 18.61 -25.10 -19.60
N SER C 224 19.44 -25.94 -20.23
CA SER C 224 18.89 -27.02 -21.06
C SER C 224 18.24 -28.13 -20.26
N GLU C 225 18.75 -28.37 -19.06
CA GLU C 225 18.25 -29.41 -18.16
C GLU C 225 16.99 -29.00 -17.38
N SER C 226 16.64 -27.71 -17.42
CA SER C 226 15.52 -27.19 -16.62
C SER C 226 14.14 -27.40 -17.26
N LEU C 227 14.09 -27.73 -18.54
CA LEU C 227 12.82 -28.06 -19.20
C LEU C 227 12.44 -29.53 -19.06
N ARG C 228 13.28 -30.32 -18.40
CA ARG C 228 13.02 -31.74 -18.22
C ARG C 228 11.96 -31.95 -17.16
N SER C 229 11.01 -32.85 -17.42
CA SER C 229 10.04 -33.24 -16.40
C SER C 229 10.77 -33.81 -15.16
N PRO C 230 10.34 -33.39 -13.96
CA PRO C 230 10.94 -33.78 -12.67
C PRO C 230 10.68 -35.22 -12.34
N THR C 231 9.78 -35.84 -13.10
CA THR C 231 9.41 -37.24 -12.93
C THR C 231 10.16 -38.14 -13.93
N ASN C 232 9.93 -37.92 -15.22
CA ASN C 232 10.72 -38.59 -16.26
C ASN C 232 11.73 -37.61 -16.81
N SER C 233 12.99 -37.77 -16.44
CA SER C 233 13.97 -36.75 -16.82
C SER C 233 14.35 -36.84 -18.29
N SER C 234 13.87 -37.89 -18.95
CA SER C 234 14.14 -38.11 -20.36
C SER C 234 13.08 -37.39 -21.18
N ARG C 235 12.26 -36.61 -20.49
CA ARG C 235 11.14 -35.91 -21.11
C ARG C 235 11.16 -34.40 -20.90
N TYR C 236 10.92 -33.72 -22.01
CA TYR C 236 10.92 -32.29 -22.04
C TYR C 236 9.49 -31.82 -22.21
N ASN C 237 9.01 -31.02 -21.24
CA ASN C 237 7.69 -30.40 -21.28
C ASN C 237 7.81 -28.99 -21.84
N LEU C 238 7.18 -28.73 -22.98
CA LEU C 238 7.25 -27.42 -23.61
C LEU C 238 5.86 -26.93 -23.87
N ASN C 239 5.57 -25.68 -23.50
CA ASN C 239 4.24 -25.12 -23.71
C ASN C 239 3.84 -24.85 -25.15
N GLY C 240 2.53 -24.82 -25.38
CA GLY C 240 2.04 -24.53 -26.71
C GLY C 240 0.56 -24.32 -26.77
N ILE C 241 0.06 -24.26 -28.00
CA ILE C 241 -1.36 -24.12 -28.22
C ILE C 241 -1.90 -25.23 -29.13
N MET C 242 -3.19 -25.47 -29.03
CA MET C 242 -3.84 -26.30 -30.01
C MET C 242 -4.94 -25.53 -30.77
N ILE C 243 -4.89 -25.56 -32.09
CA ILE C 243 -5.89 -24.89 -32.90
C ILE C 243 -6.88 -25.88 -33.48
N ILE C 244 -8.16 -25.76 -33.13
CA ILE C 244 -9.20 -26.61 -33.71
C ILE C 244 -10.18 -25.82 -34.57
N SER C 245 -10.10 -26.01 -35.88
CA SER C 245 -11.11 -25.50 -36.78
C SER C 245 -12.16 -26.59 -36.94
N GLN C 246 -13.43 -26.22 -36.82
CA GLN C 246 -14.48 -27.23 -36.77
C GLN C 246 -15.77 -26.81 -37.49
N ASN C 247 -16.42 -27.80 -38.11
CA ASN C 247 -17.77 -27.64 -38.65
C ASN C 247 -18.82 -28.57 -38.03
N ASN C 248 -19.72 -27.97 -37.26
CA ASN C 248 -20.83 -28.65 -36.59
C ASN C 248 -20.43 -29.93 -35.84
N MET C 249 -19.22 -29.94 -35.29
CA MET C 249 -18.65 -31.10 -34.58
C MET C 249 -18.64 -32.37 -35.45
N THR C 250 -18.43 -32.17 -36.74
CA THR C 250 -18.25 -33.25 -37.70
C THR C 250 -16.90 -33.20 -38.41
N ASP C 251 -16.71 -32.13 -39.17
CA ASP C 251 -15.46 -31.91 -39.90
C ASP C 251 -14.42 -31.38 -38.94
N PHE C 252 -13.16 -31.76 -39.11
CA PHE C 252 -12.15 -31.32 -38.18
C PHE C 252 -10.81 -30.96 -38.81
N LYS C 253 -10.18 -29.90 -38.30
CA LYS C 253 -8.79 -29.57 -38.64
C LYS C 253 -8.06 -29.21 -37.36
N ILE C 254 -7.05 -29.97 -37.00
CA ILE C 254 -6.39 -29.77 -35.72
C ILE C 254 -4.87 -29.58 -35.87
N GLN C 255 -4.37 -28.39 -35.51
CA GLN C 255 -2.93 -28.13 -35.51
C GLN C 255 -2.47 -28.09 -34.08
N LEU C 256 -1.25 -28.55 -33.86
CA LEU C 256 -0.62 -28.41 -32.56
C LEU C 256 0.66 -27.61 -32.73
N ASN C 257 0.72 -26.40 -32.19
CA ASN C 257 1.95 -25.58 -32.31
C ASN C 257 2.60 -25.35 -30.97
N GLY C 258 3.91 -25.17 -30.97
CA GLY C 258 4.60 -24.91 -29.71
C GLY C 258 4.77 -23.44 -29.48
N ILE C 259 5.17 -23.08 -28.27
CA ILE C 259 5.36 -21.67 -27.98
C ILE C 259 6.68 -21.20 -28.56
N THR C 260 6.80 -19.91 -28.85
CA THR C 260 8.03 -19.35 -29.38
C THR C 260 9.23 -19.63 -28.46
N TYR C 261 10.38 -19.98 -29.04
CA TYR C 261 11.54 -20.39 -28.25
C TYR C 261 12.19 -19.25 -27.49
N ASN C 262 11.76 -18.02 -27.81
CA ASN C 262 12.23 -16.83 -27.12
C ASN C 262 11.73 -16.83 -25.70
N LYS C 263 12.67 -16.73 -24.76
CA LYS C 263 12.38 -16.76 -23.34
C LYS C 263 11.52 -17.98 -23.02
N LEU C 264 12.10 -19.17 -23.12
CA LEU C 264 11.38 -20.39 -22.81
C LEU C 264 11.22 -20.53 -21.33
N SER C 265 10.17 -21.21 -20.87
CA SER C 265 10.10 -21.58 -19.46
C SER C 265 9.30 -22.86 -19.32
N PHE C 266 9.65 -23.64 -18.30
CA PHE C 266 9.20 -25.02 -18.17
C PHE C 266 7.71 -25.17 -18.32
N GLY C 267 7.30 -26.21 -19.05
CA GLY C 267 5.89 -26.41 -19.38
C GLY C 267 4.99 -26.41 -18.16
N SER C 268 4.03 -25.50 -18.20
CA SER C 268 3.20 -25.13 -17.06
C SER C 268 1.77 -24.82 -17.52
N PRO C 269 0.82 -24.77 -16.58
CA PRO C 269 -0.53 -24.35 -16.98
C PRO C 269 -0.55 -22.88 -17.30
N GLY C 270 -1.33 -22.45 -18.27
CA GLY C 270 -1.39 -21.04 -18.55
C GLY C 270 -2.60 -20.76 -19.41
N ARG C 271 -2.93 -19.51 -19.74
CA ARG C 271 -4.16 -19.34 -20.51
C ARG C 271 -4.18 -18.23 -21.56
N LEU C 272 -5.18 -18.28 -22.42
CA LEU C 272 -5.44 -17.26 -23.43
C LEU C 272 -6.70 -16.46 -23.13
N SER C 273 -6.69 -15.15 -23.42
CA SER C 273 -7.93 -14.35 -23.30
C SER C 273 -8.05 -13.17 -24.28
N LYS C 274 -9.25 -12.95 -24.84
CA LYS C 274 -9.50 -11.79 -25.71
C LYS C 274 -9.83 -10.60 -24.82
N THR C 275 -9.01 -9.57 -24.90
CA THR C 275 -9.16 -8.36 -24.09
C THR C 275 -8.75 -7.14 -24.88
N LEU C 276 -9.56 -6.10 -24.81
CA LEU C 276 -9.26 -4.81 -25.40
C LEU C 276 -8.82 -4.99 -26.86
N GLY C 277 -9.47 -5.92 -27.56
CA GLY C 277 -9.17 -6.12 -28.96
C GLY C 277 -7.82 -6.78 -29.20
N GLN C 278 -7.26 -7.40 -28.18
CA GLN C 278 -6.01 -8.17 -28.29
C GLN C 278 -6.22 -9.60 -27.84
N VAL C 279 -5.13 -10.37 -27.81
CA VAL C 279 -5.15 -11.68 -27.17
C VAL C 279 -3.97 -11.77 -26.20
N LEU C 280 -4.25 -11.94 -24.92
CA LEU C 280 -3.21 -11.98 -23.91
C LEU C 280 -2.95 -13.42 -23.51
N TYR C 281 -1.67 -13.82 -23.55
CA TYR C 281 -1.23 -15.13 -23.07
C TYR C 281 -0.52 -15.00 -21.74
N TYR C 282 -0.84 -15.94 -20.85
CA TYR C 282 -0.26 -16.01 -19.51
C TYR C 282 0.32 -17.38 -19.31
N GLN C 283 1.48 -17.46 -18.68
CA GLN C 283 2.06 -18.76 -18.35
C GLN C 283 2.58 -18.72 -16.92
N SER C 284 2.06 -19.60 -16.09
CA SER C 284 2.44 -19.63 -14.70
C SER C 284 3.95 -19.78 -14.55
N SER C 285 4.60 -19.05 -13.65
CA SER C 285 6.06 -19.21 -13.61
C SER C 285 6.42 -20.31 -12.63
N MET C 286 6.75 -21.48 -13.18
CA MET C 286 6.99 -22.66 -12.37
C MET C 286 8.46 -23.01 -12.16
N SER C 287 9.35 -22.17 -12.67
CA SER C 287 10.76 -22.51 -12.84
C SER C 287 11.66 -21.53 -12.12
N TRP C 288 12.93 -21.53 -12.48
CA TRP C 288 13.90 -20.59 -11.89
C TRP C 288 13.45 -19.14 -12.09
N ASP C 289 12.73 -18.84 -13.19
CA ASP C 289 12.26 -17.48 -13.51
C ASP C 289 10.92 -17.30 -12.87
N THR C 290 10.88 -16.46 -11.84
CA THR C 290 9.72 -16.37 -10.97
C THR C 290 8.76 -15.20 -11.20
N TYR C 291 9.12 -14.28 -12.09
CA TYR C 291 8.28 -13.14 -12.39
C TYR C 291 7.18 -13.47 -13.38
N LEU C 292 6.13 -12.66 -13.38
CA LEU C 292 4.98 -12.88 -14.25
C LEU C 292 5.45 -13.13 -15.67
N LYS C 293 4.96 -14.21 -16.27
CA LYS C 293 5.19 -14.43 -17.68
C LYS C 293 3.86 -14.20 -18.42
N ALA C 294 3.77 -13.12 -19.16
CA ALA C 294 2.56 -12.86 -19.92
C ALA C 294 2.87 -11.89 -21.05
N GLY C 295 1.97 -11.77 -22.02
CA GLY C 295 2.15 -10.76 -23.04
C GLY C 295 1.14 -10.98 -24.14
N PHE C 296 0.91 -9.98 -24.97
CA PHE C 296 -0.09 -10.14 -26.02
C PHE C 296 0.50 -10.94 -27.19
N VAL C 297 -0.35 -11.53 -28.02
CA VAL C 297 0.15 -12.40 -29.07
C VAL C 297 0.42 -11.63 -30.32
N GLU C 298 1.68 -11.52 -30.73
CA GLU C 298 2.00 -10.78 -31.96
C GLU C 298 2.10 -11.63 -33.24
N LYS C 299 2.23 -12.96 -33.11
CA LYS C 299 2.32 -13.87 -34.28
C LYS C 299 1.74 -15.25 -33.96
N TRP C 300 0.85 -15.79 -34.78
CA TRP C 300 0.26 -17.08 -34.43
C TRP C 300 1.15 -18.30 -34.71
N LYS C 301 1.90 -18.27 -35.82
CA LYS C 301 2.86 -19.30 -36.16
C LYS C 301 4.27 -18.70 -36.36
N PRO C 302 5.22 -18.97 -35.46
CA PRO C 302 5.11 -19.79 -34.25
C PRO C 302 4.30 -19.03 -33.23
N PHE C 303 3.79 -19.68 -32.19
CA PHE C 303 3.02 -18.93 -31.20
C PHE C 303 3.97 -17.95 -30.44
N THR C 304 3.73 -16.65 -30.60
CA THR C 304 4.72 -15.70 -30.16
C THR C 304 4.14 -14.56 -29.36
N PRO C 305 3.99 -14.78 -28.04
CA PRO C 305 3.62 -13.68 -27.15
C PRO C 305 4.78 -12.76 -26.90
N ASN C 306 4.51 -11.47 -26.86
CA ASN C 306 5.57 -10.50 -26.66
C ASN C 306 5.72 -10.34 -25.17
N TRP C 307 6.75 -10.96 -24.63
CA TRP C 307 6.80 -11.15 -23.20
C TRP C 307 6.96 -9.83 -22.52
N MET C 308 6.16 -9.63 -21.49
CA MET C 308 6.26 -8.46 -20.66
C MET C 308 7.52 -8.58 -19.87
N ASN C 309 8.20 -7.45 -19.72
CA ASN C 309 9.32 -7.39 -18.83
C ASN C 309 8.76 -6.79 -17.56
N ASN C 310 8.56 -7.65 -16.57
CA ASN C 310 7.83 -7.22 -15.42
C ASN C 310 8.60 -7.41 -14.14
N THR C 311 8.86 -6.30 -13.48
CA THR C 311 9.85 -6.28 -12.44
C THR C 311 9.29 -6.40 -11.03
N VAL C 312 7.97 -6.58 -10.94
CA VAL C 312 7.27 -6.35 -9.68
C VAL C 312 6.35 -7.49 -9.19
N ILE C 313 5.42 -7.93 -10.03
CA ILE C 313 4.51 -9.02 -9.68
C ILE C 313 5.16 -10.41 -9.86
N SER C 314 5.04 -11.25 -8.86
CA SER C 314 5.68 -12.55 -8.83
C SER C 314 4.72 -13.62 -8.24
N ARG C 315 5.27 -14.76 -7.84
CA ARG C 315 4.46 -15.78 -7.18
C ARG C 315 5.29 -16.44 -6.09
N PRO C 316 4.63 -17.04 -5.08
CA PRO C 316 5.40 -17.75 -4.08
C PRO C 316 5.79 -19.17 -4.54
N ASN C 317 6.94 -19.68 -4.10
CA ASN C 317 7.26 -21.11 -4.18
C ASN C 317 8.28 -21.47 -3.11
N GLN C 318 8.16 -22.70 -2.60
CA GLN C 318 9.06 -23.21 -1.57
C GLN C 318 10.37 -23.77 -2.12
N GLY C 319 11.41 -23.73 -1.28
CA GLY C 319 12.73 -24.16 -1.74
C GLY C 319 13.61 -23.05 -2.28
N ASN C 320 14.37 -23.39 -3.32
CA ASN C 320 15.42 -22.52 -3.87
C ASN C 320 14.88 -21.43 -4.78
N CYS C 321 13.60 -21.50 -5.13
CA CYS C 321 13.02 -20.48 -5.98
C CYS C 321 11.77 -19.79 -5.40
N PRO C 322 11.93 -18.94 -4.36
CA PRO C 322 10.83 -18.22 -3.75
C PRO C 322 10.48 -17.03 -4.60
N ARG C 323 9.62 -16.15 -4.11
CA ARG C 323 9.21 -14.99 -4.86
C ARG C 323 10.41 -14.11 -5.19
N TYR C 324 10.29 -13.39 -6.30
CA TYR C 324 11.29 -12.44 -6.78
C TYR C 324 12.65 -13.05 -7.06
N HIS C 325 12.69 -14.36 -7.25
CA HIS C 325 13.93 -15.05 -7.56
C HIS C 325 14.03 -15.14 -9.08
N LYS C 326 15.01 -14.46 -9.67
CA LYS C 326 15.21 -14.49 -11.13
C LYS C 326 16.51 -15.14 -11.66
N CYS C 327 17.28 -15.84 -10.82
CA CYS C 327 18.53 -16.42 -11.33
C CYS C 327 18.49 -17.93 -11.66
N PRO C 328 18.99 -18.35 -12.86
CA PRO C 328 18.72 -19.72 -13.35
C PRO C 328 19.06 -20.80 -12.32
N GLU C 329 18.30 -21.89 -12.39
CA GLU C 329 18.48 -23.02 -11.47
C GLU C 329 17.53 -24.10 -11.91
N ILE C 330 17.75 -25.33 -11.46
CA ILE C 330 16.74 -26.34 -11.66
C ILE C 330 15.95 -26.40 -10.35
N CYS C 331 14.69 -26.03 -10.48
CA CYS C 331 13.74 -26.04 -9.38
C CYS C 331 12.36 -26.13 -10.00
N TYR C 332 11.40 -26.62 -9.23
CA TYR C 332 10.05 -26.75 -9.72
C TYR C 332 9.00 -26.40 -8.65
N GLY C 333 7.99 -25.65 -9.06
CA GLY C 333 6.90 -25.32 -8.18
C GLY C 333 6.34 -23.94 -8.47
N GLY C 334 5.45 -23.49 -7.59
CA GLY C 334 4.76 -22.23 -7.76
C GLY C 334 3.28 -22.43 -8.04
N THR C 335 2.54 -21.32 -8.01
CA THR C 335 1.08 -21.26 -8.11
C THR C 335 0.59 -20.57 -9.38
N TYR C 336 -0.60 -20.91 -9.85
CA TYR C 336 -1.15 -20.22 -11.00
C TYR C 336 -2.01 -19.04 -10.53
N ASN C 337 -1.52 -17.82 -10.66
CA ASN C 337 -2.39 -16.67 -10.47
C ASN C 337 -2.45 -15.88 -11.76
N ASP C 338 -3.52 -16.00 -12.53
CA ASP C 338 -3.44 -15.39 -13.83
C ASP C 338 -3.96 -13.98 -13.77
N ILE C 339 -3.84 -13.25 -14.88
CA ILE C 339 -4.02 -11.81 -14.88
C ILE C 339 -4.97 -11.36 -15.95
N ALA C 340 -5.45 -10.14 -15.84
CA ALA C 340 -6.24 -9.58 -16.91
C ALA C 340 -5.98 -8.08 -17.14
N PRO C 341 -5.99 -7.67 -18.43
CA PRO C 341 -5.68 -6.31 -18.90
C PRO C 341 -6.77 -5.30 -18.62
N LEU C 342 -6.40 -4.11 -18.11
CA LEU C 342 -7.33 -3.01 -17.85
C LEU C 342 -7.18 -1.90 -18.90
N ASP C 343 -6.05 -1.22 -18.94
CA ASP C 343 -5.82 -0.18 -19.98
C ASP C 343 -4.57 -0.46 -20.84
N LEU C 344 -4.69 -0.37 -22.17
CA LEU C 344 -3.52 -0.60 -22.99
C LEU C 344 -2.56 0.55 -22.81
N GLY C 345 -3.05 1.75 -23.07
CA GLY C 345 -2.24 2.96 -23.06
C GLY C 345 -1.39 3.20 -21.82
N LYS C 346 -1.92 2.93 -20.64
CA LYS C 346 -1.11 3.09 -19.44
C LYS C 346 -0.54 1.76 -18.95
N ASP C 347 -0.80 0.67 -19.68
CA ASP C 347 -0.18 -0.65 -19.41
C ASP C 347 -0.45 -1.20 -17.99
N MET C 348 -1.73 -1.48 -17.73
CA MET C 348 -2.19 -1.86 -16.40
C MET C 348 -2.86 -3.21 -16.42
N TYR C 349 -2.69 -3.94 -15.32
CA TYR C 349 -3.27 -5.26 -15.21
C TYR C 349 -3.75 -5.52 -13.78
N VAL C 350 -4.78 -6.36 -13.62
CA VAL C 350 -5.22 -6.86 -12.31
C VAL C 350 -4.99 -8.34 -12.17
N SER C 351 -4.63 -8.75 -10.98
CA SER C 351 -4.45 -10.18 -10.72
C SER C 351 -4.66 -10.45 -9.25
N VAL C 352 -5.20 -11.61 -8.89
CA VAL C 352 -5.22 -11.90 -7.45
C VAL C 352 -4.00 -12.74 -7.14
N ILE C 353 -3.03 -12.11 -6.50
CA ILE C 353 -1.74 -12.71 -6.34
C ILE C 353 -1.52 -12.98 -4.88
N LEU C 354 -0.68 -13.93 -4.54
CA LEU C 354 -0.51 -14.27 -3.14
C LEU C 354 0.62 -13.45 -2.51
N ASP C 355 0.34 -12.72 -1.43
CA ASP C 355 1.40 -12.01 -0.71
C ASP C 355 1.89 -12.94 0.39
N SER C 356 2.98 -13.64 0.06
CA SER C 356 3.71 -14.52 0.95
C SER C 356 5.01 -14.77 0.22
N ASP C 357 6.03 -15.26 0.90
CA ASP C 357 7.26 -15.57 0.19
C ASP C 357 7.21 -16.97 -0.39
N GLN C 358 7.05 -17.97 0.48
CA GLN C 358 7.01 -19.37 0.04
C GLN C 358 5.65 -20.02 0.25
N LEU C 359 5.15 -19.97 1.49
CA LEU C 359 3.85 -20.50 1.87
C LEU C 359 2.76 -19.95 0.95
N ALA C 360 1.71 -20.70 0.65
CA ALA C 360 0.68 -20.11 -0.22
C ALA C 360 -0.56 -19.61 0.52
N GLU C 361 -0.63 -18.28 0.67
CA GLU C 361 -1.71 -17.68 1.43
C GLU C 361 -1.75 -16.17 1.24
N ASN C 362 -2.72 -15.52 1.88
CA ASN C 362 -2.93 -14.07 1.82
C ASN C 362 -3.15 -13.50 0.42
N PRO C 363 -4.23 -13.91 -0.28
CA PRO C 363 -4.56 -13.36 -1.61
C PRO C 363 -4.78 -11.88 -1.53
N GLU C 364 -4.25 -11.16 -2.51
CA GLU C 364 -4.41 -9.71 -2.60
C GLU C 364 -4.85 -9.38 -4.02
N ILE C 365 -5.93 -8.62 -4.14
CA ILE C 365 -6.26 -8.03 -5.42
C ILE C 365 -5.18 -6.96 -5.67
N THR C 366 -4.42 -7.12 -6.75
CA THR C 366 -3.32 -6.22 -7.06
C THR C 366 -3.51 -5.62 -8.46
N VAL C 367 -3.32 -4.31 -8.55
CA VAL C 367 -3.35 -3.58 -9.82
C VAL C 367 -2.00 -2.94 -10.08
N PHE C 368 -1.37 -3.27 -11.23
CA PHE C 368 0.04 -2.92 -11.51
C PHE C 368 0.31 -2.51 -12.97
N ASN C 369 1.45 -1.82 -13.17
CA ASN C 369 2.05 -1.63 -14.48
C ASN C 369 3.36 -2.40 -14.43
N SER C 370 4.10 -2.44 -15.52
CA SER C 370 5.22 -3.33 -15.59
C SER C 370 6.27 -3.06 -14.49
N THR C 371 6.23 -1.85 -13.95
CA THR C 371 7.25 -1.29 -13.05
C THR C 371 6.93 -1.36 -11.56
N THR C 372 5.81 -0.74 -11.21
CA THR C 372 5.40 -0.52 -9.82
C THR C 372 3.97 -1.01 -9.55
N ILE C 373 3.66 -1.36 -8.31
CA ILE C 373 2.28 -1.73 -7.99
C ILE C 373 1.45 -0.46 -7.79
N LEU C 374 0.41 -0.27 -8.61
CA LEU C 374 -0.43 0.91 -8.48
C LEU C 374 -1.27 0.90 -7.20
N TYR C 375 -2.07 -0.15 -6.96
CA TYR C 375 -2.75 -0.32 -5.64
C TYR C 375 -3.20 -1.75 -5.34
N LYS C 376 -3.49 -2.01 -4.07
CA LYS C 376 -3.84 -3.37 -3.67
C LYS C 376 -4.82 -3.44 -2.49
N GLU C 377 -5.54 -4.56 -2.36
CA GLU C 377 -6.33 -4.83 -1.14
C GLU C 377 -6.38 -6.33 -0.83
N ARG C 378 -6.24 -6.75 0.43
CA ARG C 378 -6.39 -8.18 0.74
C ARG C 378 -7.85 -8.63 0.63
N VAL C 379 -8.07 -9.86 0.22
CA VAL C 379 -9.45 -10.32 0.07
C VAL C 379 -10.12 -10.54 1.43
N SER C 380 -9.47 -11.30 2.30
CA SER C 380 -9.97 -11.53 3.66
C SER C 380 -8.95 -11.07 4.68
N LYS C 381 -9.44 -10.53 5.79
CA LYS C 381 -8.54 -9.96 6.79
C LYS C 381 -7.71 -11.02 7.50
N ASP C 382 -8.33 -12.15 7.81
CA ASP C 382 -7.57 -13.24 8.41
C ASP C 382 -6.77 -14.02 7.38
N GLU C 383 -5.70 -14.69 7.83
CA GLU C 383 -4.86 -15.56 7.00
C GLU C 383 -5.78 -16.57 6.30
N LEU C 384 -5.55 -16.75 5.01
CA LEU C 384 -6.45 -17.57 4.21
C LEU C 384 -5.66 -18.45 3.27
N ASN C 385 -6.02 -19.72 3.16
CA ASN C 385 -5.28 -20.62 2.27
C ASN C 385 -5.76 -20.60 0.85
N THR C 386 -4.86 -20.27 -0.06
CA THR C 386 -5.19 -20.18 -1.48
C THR C 386 -4.01 -20.62 -2.35
N ARG C 387 -4.32 -21.31 -3.44
CA ARG C 387 -3.30 -21.59 -4.43
C ARG C 387 -3.64 -20.99 -5.83
N SER C 388 -4.55 -21.58 -6.61
CA SER C 388 -4.86 -21.04 -7.94
C SER C 388 -5.75 -19.82 -7.88
N THR C 389 -5.58 -18.84 -8.75
CA THR C 389 -6.57 -17.76 -8.80
C THR C 389 -6.86 -17.32 -10.24
N THR C 390 -8.10 -17.38 -10.72
CA THR C 390 -8.34 -16.87 -12.09
C THR C 390 -9.03 -15.52 -12.02
N THR C 391 -8.80 -14.65 -12.99
CA THR C 391 -9.43 -13.36 -12.98
C THR C 391 -9.84 -12.96 -14.39
N SER C 392 -11.10 -12.51 -14.57
CA SER C 392 -11.58 -12.03 -15.88
C SER C 392 -12.19 -10.63 -15.73
N CYS C 393 -12.07 -9.78 -16.76
CA CYS C 393 -12.62 -8.43 -16.66
C CYS C 393 -13.50 -8.03 -17.81
N PHE C 394 -14.41 -7.09 -17.55
CA PHE C 394 -15.38 -6.71 -18.58
C PHE C 394 -16.03 -5.37 -18.31
N LEU C 395 -16.65 -4.78 -19.34
CA LEU C 395 -17.34 -3.50 -19.21
C LEU C 395 -18.79 -3.69 -18.81
N PHE C 396 -19.14 -3.10 -17.68
CA PHE C 396 -20.49 -3.20 -17.16
C PHE C 396 -20.98 -1.80 -16.85
N LEU C 397 -21.96 -1.34 -17.63
CA LEU C 397 -22.40 0.06 -17.58
C LEU C 397 -21.20 0.98 -17.80
N ASP C 398 -20.48 0.72 -18.88
CA ASP C 398 -19.28 1.47 -19.27
C ASP C 398 -18.28 1.68 -18.12
N GLU C 399 -18.15 0.67 -17.27
CA GLU C 399 -17.19 0.69 -16.18
C GLU C 399 -16.43 -0.63 -16.09
N PRO C 400 -15.13 -0.56 -15.79
CA PRO C 400 -14.40 -1.80 -15.61
C PRO C 400 -14.81 -2.57 -14.37
N TRP C 401 -15.17 -3.84 -14.52
CA TRP C 401 -15.55 -4.70 -13.40
C TRP C 401 -14.88 -6.08 -13.56
N CYS C 402 -14.41 -6.65 -12.44
CA CYS C 402 -13.71 -7.95 -12.46
C CYS C 402 -14.35 -9.04 -11.61
N ILE C 403 -14.18 -10.28 -12.06
CA ILE C 403 -14.56 -11.47 -11.27
C ILE C 403 -13.35 -12.41 -11.06
N SER C 404 -13.09 -12.77 -9.82
CA SER C 404 -11.94 -13.63 -9.55
C SER C 404 -12.40 -14.90 -8.89
N VAL C 405 -11.88 -16.05 -9.30
CA VAL C 405 -12.19 -17.29 -8.60
C VAL C 405 -10.98 -17.74 -7.85
N LEU C 406 -11.15 -18.06 -6.58
CA LEU C 406 -10.04 -18.42 -5.73
C LEU C 406 -10.15 -19.85 -5.32
N GLU C 407 -9.04 -20.56 -5.37
CA GLU C 407 -8.98 -21.92 -4.85
C GLU C 407 -8.56 -21.82 -3.40
N THR C 408 -9.52 -22.09 -2.52
CA THR C 408 -9.38 -21.72 -1.12
C THR C 408 -9.57 -22.84 -0.13
N ASN C 409 -8.80 -22.78 0.94
CA ASN C 409 -9.06 -23.63 2.08
C ASN C 409 -9.37 -22.75 3.30
N ARG C 410 -10.65 -22.44 3.47
CA ARG C 410 -11.01 -21.45 4.49
C ARG C 410 -11.17 -22.05 5.84
N PHE C 411 -11.87 -23.19 5.91
CA PHE C 411 -12.10 -23.71 7.22
C PHE C 411 -11.10 -24.85 7.44
N ASN C 412 -9.88 -24.42 7.78
CA ASN C 412 -8.86 -25.20 8.43
C ASN C 412 -8.83 -26.65 8.05
N GLY C 413 -8.90 -26.93 6.75
CA GLY C 413 -8.72 -28.28 6.27
C GLY C 413 -9.99 -29.09 6.09
N LYS C 414 -11.14 -28.48 6.31
CA LYS C 414 -12.37 -29.23 6.08
C LYS C 414 -13.39 -28.48 5.23
N SER C 415 -14.20 -29.25 4.51
CA SER C 415 -15.23 -28.72 3.63
C SER C 415 -14.66 -27.60 2.78
N ILE C 416 -13.55 -27.91 2.10
CA ILE C 416 -12.88 -26.94 1.26
C ILE C 416 -13.72 -26.63 0.02
N ARG C 417 -13.73 -25.35 -0.32
CA ARG C 417 -14.51 -24.88 -1.45
C ARG C 417 -13.93 -23.58 -2.03
N PRO C 418 -13.90 -23.50 -3.38
CA PRO C 418 -13.50 -22.32 -4.10
C PRO C 418 -14.49 -21.20 -3.81
N GLU C 419 -14.03 -19.95 -3.89
CA GLU C 419 -14.90 -18.82 -3.62
C GLU C 419 -14.83 -17.88 -4.81
N ILE C 420 -15.91 -17.15 -5.08
CA ILE C 420 -15.94 -16.20 -6.19
C ILE C 420 -16.03 -14.80 -5.64
N TYR C 421 -15.33 -13.84 -6.22
CA TYR C 421 -15.52 -12.45 -5.78
C TYR C 421 -15.75 -11.57 -6.98
N SER C 422 -16.50 -10.47 -6.77
CA SER C 422 -16.67 -9.47 -7.81
C SER C 422 -16.27 -8.15 -7.23
N TYR C 423 -15.65 -7.31 -8.06
CA TYR C 423 -15.15 -6.01 -7.61
C TYR C 423 -15.04 -5.04 -8.76
N LYS C 424 -14.93 -3.75 -8.42
CA LYS C 424 -14.91 -2.68 -9.40
C LYS C 424 -13.59 -1.92 -9.34
N ILE C 425 -13.04 -1.60 -10.51
CA ILE C 425 -11.82 -0.81 -10.58
C ILE C 425 -12.17 0.63 -10.28
N PRO C 426 -11.58 1.19 -9.21
CA PRO C 426 -11.92 2.49 -8.64
C PRO C 426 -11.95 3.61 -9.68
N LYS C 427 -12.96 4.47 -9.62
CA LYS C 427 -13.05 5.57 -10.57
C LYS C 427 -12.21 6.75 -10.09
N TYR C 428 -11.93 6.77 -8.79
CA TYR C 428 -11.19 7.88 -8.24
C TYR C 428 -10.01 7.37 -7.41
N CYS C 429 -8.87 8.02 -7.55
CA CYS C 429 -7.66 7.62 -6.82
C CYS C 429 -7.59 8.31 -5.48
N LYS D 2 1.61 -20.78 16.67
CA LYS D 2 3.02 -20.55 17.02
C LYS D 2 3.97 -21.09 15.93
N ASN D 3 5.05 -20.34 15.67
CA ASN D 3 6.09 -20.77 14.75
C ASN D 3 7.16 -21.65 15.43
N LEU D 4 7.27 -22.91 14.98
CA LEU D 4 8.20 -23.84 15.61
C LEU D 4 9.66 -23.48 15.31
N GLU D 5 10.55 -24.04 16.12
CA GLU D 5 12.00 -23.77 16.06
C GLU D 5 12.62 -24.17 14.71
N PRO D 6 13.37 -23.24 14.09
CA PRO D 6 14.07 -23.52 12.83
C PRO D 6 14.98 -24.76 12.93
N VAL D 7 14.84 -25.70 12.00
CA VAL D 7 15.65 -26.91 12.04
C VAL D 7 16.79 -26.81 11.02
N SER D 8 18.01 -26.64 11.53
CA SER D 8 19.17 -26.53 10.67
C SER D 8 19.49 -27.93 10.13
N TRP D 9 19.77 -28.03 8.84
CA TRP D 9 20.12 -29.31 8.23
C TRP D 9 21.61 -29.32 7.95
N SER D 10 22.33 -30.12 8.72
CA SER D 10 23.76 -30.21 8.56
C SER D 10 24.31 -31.54 9.12
N SER D 11 25.58 -31.80 8.87
CA SER D 11 26.30 -32.88 9.53
C SER D 11 26.46 -32.59 11.02
N LEU D 12 26.67 -31.32 11.31
CA LEU D 12 27.03 -30.81 12.62
C LEU D 12 25.89 -30.86 13.60
N ASN D 13 24.73 -31.25 13.10
CA ASN D 13 23.50 -31.19 13.86
C ASN D 13 23.21 -32.28 14.89
N PRO D 14 22.92 -31.85 16.15
CA PRO D 14 22.33 -32.76 17.14
C PRO D 14 20.86 -32.95 16.76
N LYS D 15 20.04 -33.55 17.61
CA LYS D 15 18.62 -33.77 17.31
C LYS D 15 18.44 -34.84 16.22
N PHE D 16 19.53 -35.29 15.60
CA PHE D 16 19.44 -36.46 14.74
C PHE D 16 19.85 -37.67 15.59
N LEU D 17 18.88 -38.54 15.82
CA LEU D 17 19.03 -39.70 16.69
C LEU D 17 19.20 -40.94 15.78
N SER D 18 20.11 -41.85 16.13
CA SER D 18 20.42 -42.97 15.26
C SER D 18 19.18 -43.73 14.77
N GLY D 19 18.35 -44.20 15.72
CA GLY D 19 17.15 -44.93 15.35
C GLY D 19 15.99 -44.03 14.95
N LYS D 20 15.80 -42.96 15.73
CA LYS D 20 14.67 -42.05 15.56
C LYS D 20 14.87 -40.91 14.54
N GLY D 21 16.07 -40.33 14.52
CA GLY D 21 16.29 -39.12 13.74
C GLY D 21 15.66 -37.94 14.46
N LEU D 22 15.02 -37.06 13.71
CA LEU D 22 14.32 -35.93 14.30
C LEU D 22 12.80 -36.06 14.06
N VAL D 23 12.05 -36.11 15.16
CA VAL D 23 10.60 -36.26 15.09
C VAL D 23 9.95 -35.12 15.91
N ILE D 24 8.76 -34.69 15.49
CA ILE D 24 8.04 -33.60 16.15
C ILE D 24 6.53 -33.75 15.99
N TYR D 25 5.78 -33.05 16.84
CA TYR D 25 4.34 -33.00 16.66
C TYR D 25 3.97 -31.55 16.29
N PRO D 26 3.78 -31.31 14.99
CA PRO D 26 3.34 -29.99 14.57
C PRO D 26 1.83 -29.83 14.66
N LYS D 27 1.41 -28.58 14.85
CA LYS D 27 0.01 -28.24 14.90
C LYS D 27 -0.33 -27.74 13.50
N ILE D 28 -1.50 -28.08 12.98
CA ILE D 28 -1.89 -27.56 11.67
C ILE D 28 -1.85 -26.05 11.78
N GLY D 29 -1.21 -25.38 10.83
CA GLY D 29 -1.08 -23.93 10.89
C GLY D 29 0.13 -23.40 11.63
N ASP D 30 1.15 -24.24 11.80
CA ASP D 30 2.38 -23.84 12.47
C ASP D 30 3.47 -23.58 11.46
N LYS D 31 4.19 -22.48 11.64
CA LYS D 31 5.32 -22.17 10.77
C LYS D 31 6.53 -23.01 11.20
N LEU D 32 7.41 -23.32 10.25
CA LEU D 32 8.62 -24.10 10.51
C LEU D 32 9.68 -23.69 9.49
N ASP D 33 10.95 -23.70 9.87
CA ASP D 33 12.00 -23.27 8.96
C ASP D 33 13.14 -24.30 8.82
N ILE D 34 13.49 -24.66 7.58
CA ILE D 34 14.67 -25.50 7.30
C ILE D 34 15.77 -24.67 6.60
N ILE D 35 16.97 -24.64 7.17
CA ILE D 35 18.04 -23.78 6.64
C ILE D 35 19.23 -24.61 6.16
N CYS D 36 19.90 -24.14 5.11
CA CYS D 36 21.13 -24.76 4.63
C CYS D 36 22.27 -23.86 5.02
N PRO D 37 23.03 -24.26 6.06
CA PRO D 37 24.02 -23.32 6.58
C PRO D 37 25.19 -23.10 5.62
N ARG D 38 25.66 -21.86 5.56
CA ARG D 38 26.79 -21.52 4.70
C ARG D 38 28.07 -21.63 5.53
N ALA D 39 28.99 -22.49 5.10
CA ALA D 39 30.15 -22.94 5.91
C ALA D 39 31.23 -21.88 6.25
N GLU D 40 31.68 -21.91 7.51
CA GLU D 40 32.67 -20.97 8.07
C GLU D 40 34.12 -21.33 7.74
N ALA D 41 35.02 -20.34 7.70
CA ALA D 41 36.42 -20.59 7.39
C ALA D 41 36.93 -21.72 8.28
N GLY D 42 37.57 -22.71 7.67
CA GLY D 42 38.00 -23.90 8.38
C GLY D 42 36.91 -24.98 8.44
N ARG D 43 35.69 -24.62 8.01
CA ARG D 43 34.61 -25.60 7.83
C ARG D 43 34.44 -26.02 6.38
N PRO D 44 34.11 -27.31 6.16
CA PRO D 44 33.71 -27.72 4.81
C PRO D 44 32.21 -27.49 4.57
N TYR D 45 31.82 -27.17 3.34
CA TYR D 45 30.40 -26.96 3.01
C TYR D 45 29.63 -28.26 2.95
N GLU D 46 28.33 -28.15 3.09
CA GLU D 46 27.49 -29.33 3.00
C GLU D 46 26.55 -29.28 1.80
N TYR D 47 26.64 -30.30 0.95
CA TYR D 47 25.78 -30.42 -0.23
C TYR D 47 24.74 -31.52 -0.08
N TYR D 48 23.48 -31.21 -0.33
CA TYR D 48 22.42 -32.19 -0.15
C TYR D 48 21.22 -31.96 -1.08
N LYS D 49 20.43 -33.02 -1.28
CA LYS D 49 19.16 -32.94 -1.99
C LYS D 49 18.10 -33.53 -1.08
N LEU D 50 17.23 -32.67 -0.55
CA LEU D 50 16.24 -33.10 0.43
C LEU D 50 15.02 -33.62 -0.27
N TYR D 51 14.69 -34.89 -0.08
CA TYR D 51 13.51 -35.44 -0.72
C TYR D 51 12.34 -35.59 0.25
N LEU D 52 11.16 -35.84 -0.34
CA LEU D 52 9.96 -36.23 0.39
C LEU D 52 9.58 -37.66 0.05
N VAL D 53 9.52 -38.49 1.08
CA VAL D 53 9.38 -39.93 0.92
C VAL D 53 8.25 -40.54 1.76
N ARG D 54 7.71 -41.65 1.25
CA ARG D 54 6.72 -42.46 1.98
C ARG D 54 7.50 -43.37 2.93
N PRO D 55 6.85 -44.02 3.91
CA PRO D 55 7.59 -44.80 4.93
C PRO D 55 8.59 -45.87 4.41
N GLU D 56 8.21 -46.64 3.38
CA GLU D 56 9.05 -47.68 2.79
C GLU D 56 10.42 -47.17 2.37
N GLN D 57 10.41 -45.97 1.82
CA GLN D 57 11.61 -45.31 1.37
C GLN D 57 12.38 -44.78 2.59
N ALA D 58 11.67 -44.59 3.69
CA ALA D 58 12.30 -44.04 4.88
C ALA D 58 13.19 -45.11 5.49
N ALA D 59 12.68 -46.34 5.51
CA ALA D 59 13.51 -47.48 5.95
C ALA D 59 14.60 -47.79 4.93
N ALA D 60 14.21 -47.85 3.66
CA ALA D 60 15.12 -48.28 2.59
C ALA D 60 16.28 -47.34 2.30
N CYS D 61 16.08 -46.05 2.55
CA CYS D 61 17.03 -45.01 2.15
C CYS D 61 17.21 -45.08 0.62
N SER D 62 16.08 -45.12 -0.09
CA SER D 62 16.06 -45.13 -1.54
C SER D 62 15.06 -44.10 -2.08
N THR D 63 15.55 -43.15 -2.88
CA THR D 63 14.71 -42.09 -3.42
C THR D 63 14.34 -42.29 -4.89
N VAL D 64 14.70 -43.44 -5.43
CA VAL D 64 14.52 -43.70 -6.84
C VAL D 64 13.05 -43.77 -7.23
N LEU D 65 12.21 -44.28 -6.33
CA LEU D 65 10.86 -44.74 -6.67
C LEU D 65 10.00 -43.60 -7.25
N ASP D 66 9.67 -42.57 -6.46
CA ASP D 66 9.14 -41.31 -7.03
C ASP D 66 9.81 -40.15 -6.33
N PRO D 67 10.32 -39.20 -7.13
CA PRO D 67 10.97 -38.01 -6.56
C PRO D 67 10.04 -36.86 -6.22
N ASN D 68 10.01 -36.43 -4.97
CA ASN D 68 9.56 -35.07 -4.72
C ASN D 68 10.73 -34.34 -4.13
N VAL D 69 11.43 -33.56 -4.94
CA VAL D 69 12.59 -32.89 -4.42
C VAL D 69 12.15 -31.54 -3.90
N LEU D 70 12.34 -31.33 -2.61
CA LEU D 70 11.95 -30.07 -2.03
C LEU D 70 13.07 -29.05 -2.17
N VAL D 71 14.19 -29.29 -1.50
CA VAL D 71 15.31 -28.35 -1.56
C VAL D 71 16.62 -28.98 -2.02
N THR D 72 17.50 -28.13 -2.54
CA THR D 72 18.85 -28.54 -2.91
C THR D 72 19.84 -27.50 -2.39
N CYS D 73 20.73 -27.86 -1.47
CA CYS D 73 21.68 -26.85 -1.00
C CYS D 73 22.93 -27.01 -1.80
N ASN D 74 22.94 -26.33 -2.94
CA ASN D 74 24.07 -26.34 -3.84
C ASN D 74 24.85 -25.04 -3.78
N LYS D 75 24.45 -24.16 -2.87
CA LYS D 75 25.15 -22.90 -2.77
C LYS D 75 25.80 -22.56 -1.42
N PRO D 76 27.13 -22.46 -1.39
CA PRO D 76 27.78 -21.67 -0.34
C PRO D 76 27.74 -20.23 -0.83
N HIS D 77 28.27 -19.28 -0.05
CA HIS D 77 28.22 -17.84 -0.38
C HIS D 77 26.80 -17.26 -0.34
N GLN D 78 25.81 -18.13 -0.39
CA GLN D 78 24.41 -17.73 -0.33
C GLN D 78 23.70 -18.78 0.50
N GLU D 79 22.94 -18.36 1.50
CA GLU D 79 22.25 -19.28 2.39
C GLU D 79 20.84 -19.58 1.88
N ILE D 80 20.46 -20.85 1.83
CA ILE D 80 19.17 -21.23 1.27
C ILE D 80 18.20 -21.52 2.41
N ARG D 81 16.92 -21.19 2.22
CA ARG D 81 15.89 -21.39 3.25
C ARG D 81 14.62 -22.04 2.68
N PHE D 82 13.90 -22.76 3.54
CA PHE D 82 12.66 -23.43 3.16
C PHE D 82 11.61 -23.25 4.27
N THR D 83 10.52 -22.52 4.02
CA THR D 83 9.50 -22.30 5.06
C THR D 83 8.26 -23.14 4.78
N ILE D 84 7.88 -23.98 5.74
CA ILE D 84 6.75 -24.88 5.58
C ILE D 84 5.66 -24.65 6.65
N LYS D 85 4.48 -24.25 6.18
CA LYS D 85 3.30 -24.11 7.03
C LYS D 85 2.41 -25.32 6.81
N PHE D 86 1.88 -25.83 7.91
CA PHE D 86 1.34 -27.18 7.93
C PHE D 86 -0.10 -27.23 7.48
N GLN D 87 -0.55 -26.11 6.94
CA GLN D 87 -1.82 -26.04 6.22
C GLN D 87 -1.69 -26.96 5.04
N GLU D 88 -2.80 -27.34 4.41
CA GLU D 88 -2.63 -27.99 3.12
C GLU D 88 -2.52 -26.90 2.09
N PHE D 89 -2.60 -27.26 0.80
CA PHE D 89 -2.43 -26.24 -0.24
C PHE D 89 -1.02 -25.58 -0.19
N SER D 90 0.00 -26.43 -0.25
CA SER D 90 1.35 -25.98 -0.56
C SER D 90 1.48 -25.76 -2.07
N PRO D 91 2.42 -24.88 -2.48
CA PRO D 91 2.67 -24.65 -3.91
C PRO D 91 3.66 -25.64 -4.51
N ASN D 92 3.44 -26.94 -4.32
CA ASN D 92 4.42 -27.97 -4.68
C ASN D 92 4.09 -28.45 -6.07
N TYR D 93 5.10 -28.81 -6.86
CA TYR D 93 4.82 -29.14 -8.26
C TYR D 93 3.99 -30.40 -8.39
N MET D 94 4.31 -31.39 -7.56
CA MET D 94 3.62 -32.67 -7.69
C MET D 94 2.26 -32.54 -7.06
N GLY D 95 2.20 -31.55 -6.18
CA GLY D 95 1.07 -31.21 -5.35
C GLY D 95 1.34 -31.86 -4.02
N LEU D 96 1.04 -31.14 -2.95
CA LEU D 96 1.35 -31.63 -1.63
C LEU D 96 0.30 -31.15 -0.66
N GLU D 97 -0.23 -32.07 0.13
CA GLU D 97 -1.26 -31.72 1.08
C GLU D 97 -0.85 -32.07 2.48
N PHE D 98 -1.06 -31.15 3.41
CA PHE D 98 -0.85 -31.48 4.82
C PHE D 98 -2.15 -31.71 5.54
N LYS D 99 -2.39 -32.98 5.88
CA LYS D 99 -3.66 -33.36 6.46
C LYS D 99 -3.45 -33.85 7.88
N LYS D 100 -4.49 -33.78 8.71
CA LYS D 100 -4.41 -34.26 10.08
C LYS D 100 -4.24 -35.78 10.11
N TYR D 101 -3.45 -36.26 11.07
CA TYR D 101 -3.25 -37.68 11.34
C TYR D 101 -2.71 -38.44 10.12
N HIS D 102 -1.95 -37.75 9.27
CA HIS D 102 -1.19 -38.37 8.19
C HIS D 102 0.22 -37.94 8.55
N ASP D 103 1.22 -38.77 8.28
CA ASP D 103 2.57 -38.39 8.69
C ASP D 103 3.54 -38.29 7.53
N TYR D 104 4.50 -37.37 7.67
CA TYR D 104 5.34 -37.04 6.53
C TYR D 104 6.85 -37.23 6.77
N TYR D 105 7.54 -37.69 5.73
CA TYR D 105 8.95 -38.06 5.87
C TYR D 105 9.86 -37.36 4.87
N ILE D 106 10.88 -36.70 5.41
CA ILE D 106 11.89 -35.96 4.64
C ILE D 106 13.27 -36.54 4.84
N THR D 107 13.99 -36.80 3.74
CA THR D 107 15.32 -37.39 3.90
C THR D 107 16.25 -37.14 2.72
N SER D 108 17.55 -37.24 2.96
CA SER D 108 18.56 -36.99 1.92
C SER D 108 19.49 -38.20 1.70
N THR D 109 19.64 -38.61 0.44
CA THR D 109 20.50 -39.72 0.04
C THR D 109 21.79 -39.24 -0.60
N SER D 110 22.06 -37.95 -0.51
CA SER D 110 23.29 -37.41 -1.07
C SER D 110 24.53 -37.80 -0.23
N ASN D 111 25.72 -37.72 -0.83
CA ASN D 111 26.97 -38.06 -0.14
C ASN D 111 27.24 -37.03 0.96
N GLY D 112 27.04 -35.77 0.62
CA GLY D 112 27.46 -34.65 1.44
C GLY D 112 28.58 -33.94 0.73
N SER D 113 28.89 -34.47 -0.45
CA SER D 113 29.89 -33.88 -1.32
C SER D 113 29.30 -33.77 -2.72
N LEU D 114 29.90 -32.91 -3.55
CA LEU D 114 29.39 -32.58 -4.87
C LEU D 114 29.16 -33.76 -5.80
N GLU D 115 30.09 -34.70 -5.79
CA GLU D 115 30.01 -35.85 -6.68
C GLU D 115 28.84 -36.74 -6.29
N GLY D 116 28.60 -36.87 -5.00
CA GLY D 116 27.55 -37.73 -4.52
C GLY D 116 26.29 -37.02 -4.09
N LEU D 117 26.06 -35.81 -4.58
CA LEU D 117 24.82 -35.05 -4.27
C LEU D 117 23.57 -35.73 -4.86
N GLU D 118 23.71 -36.28 -6.06
CA GLU D 118 22.56 -36.82 -6.76
C GLU D 118 22.32 -38.30 -6.48
N ASN D 119 23.11 -38.90 -5.59
CA ASN D 119 22.97 -40.34 -5.28
C ASN D 119 21.58 -40.66 -4.75
N ARG D 120 20.95 -41.68 -5.33
CA ARG D 120 19.60 -42.03 -4.94
C ARG D 120 19.48 -43.03 -3.77
N GLU D 121 20.46 -43.90 -3.60
CA GLU D 121 20.42 -44.95 -2.57
C GLU D 121 21.37 -44.76 -1.40
N GLY D 122 20.85 -45.00 -0.19
CA GLY D 122 21.67 -44.94 0.99
C GLY D 122 22.12 -43.52 1.26
N GLY D 123 23.42 -43.30 1.21
CA GLY D 123 23.95 -41.97 1.43
C GLY D 123 23.69 -41.56 2.85
N VAL D 124 23.52 -40.26 3.08
CA VAL D 124 23.36 -39.68 4.41
C VAL D 124 22.10 -40.22 5.15
N CYS D 125 21.11 -40.73 4.43
CA CYS D 125 19.96 -41.32 5.11
C CYS D 125 20.31 -42.54 5.96
N ARG D 126 21.12 -43.43 5.38
CA ARG D 126 21.52 -44.67 6.07
C ARG D 126 22.41 -44.34 7.26
N THR D 127 23.39 -43.47 7.02
CA THR D 127 24.39 -43.12 8.01
C THR D 127 23.89 -41.93 8.83
N ARG D 128 23.87 -42.06 10.16
CA ARG D 128 23.47 -41.00 11.10
C ARG D 128 21.96 -40.72 11.07
N THR D 129 21.30 -41.32 10.08
CA THR D 129 19.88 -41.15 9.82
C THR D 129 19.45 -39.68 9.84
N MET D 130 19.98 -38.86 8.92
CA MET D 130 19.45 -37.50 8.83
C MET D 130 18.15 -37.62 8.06
N LYS D 131 17.08 -37.25 8.77
CA LYS D 131 15.73 -37.36 8.29
C LYS D 131 14.84 -36.65 9.29
N ILE D 132 13.65 -36.28 8.84
CA ILE D 132 12.64 -35.69 9.72
C ILE D 132 11.31 -36.37 9.47
N VAL D 133 10.70 -36.86 10.55
CA VAL D 133 9.37 -37.42 10.46
C VAL D 133 8.45 -36.45 11.19
N MET D 134 7.26 -36.27 10.63
CA MET D 134 6.33 -35.28 11.13
C MET D 134 4.98 -35.87 11.40
N LYS D 135 4.60 -35.82 12.68
CA LYS D 135 3.31 -36.28 13.12
C LYS D 135 2.42 -35.05 13.30
N VAL D 136 1.56 -34.77 12.32
CA VAL D 136 0.74 -33.57 12.41
C VAL D 136 -0.49 -33.87 13.27
N GLY D 137 -0.68 -33.05 14.30
CA GLY D 137 -1.83 -33.23 15.17
C GLY D 137 -1.79 -34.58 15.86
N GLN D 138 -0.60 -35.00 16.30
CA GLN D 138 -0.48 -36.24 17.04
C GLN D 138 0.31 -35.94 18.32
N ASP D 139 0.14 -36.72 19.38
CA ASP D 139 0.77 -36.41 20.65
C ASP D 139 2.07 -37.19 20.88
C1 NAG E . -13.45 6.79 18.51
C2 NAG E . -13.56 5.58 17.55
C3 NAG E . -13.78 4.26 18.33
C4 NAG E . -12.98 4.17 19.63
C5 NAG E . -13.03 5.48 20.38
C6 NAG E . -12.24 5.53 21.66
C7 NAG E . -14.50 6.34 15.39
C8 NAG E . -15.75 6.49 14.59
N2 NAG E . -14.65 5.80 16.61
O3 NAG E . -13.45 3.16 17.49
O4 NAG E . -13.60 3.18 20.45
O5 NAG E . -12.54 6.51 19.52
O6 NAG E . -10.89 5.12 21.51
O7 NAG E . -13.40 6.68 14.96
C1 NAG E . -12.81 1.99 20.74
C2 NAG E . -13.52 1.21 21.87
C3 NAG E . -12.79 -0.12 22.15
C4 NAG E . -12.56 -0.90 20.87
C5 NAG E . -11.82 -0.02 19.87
C6 NAG E . -11.55 -0.71 18.56
C7 NAG E . -14.61 2.85 23.35
C8 NAG E . -14.52 3.59 24.65
N2 NAG E . -13.59 2.01 23.09
O3 NAG E . -13.55 -0.91 23.06
O4 NAG E . -11.82 -2.09 21.12
O5 NAG E . -12.63 1.13 19.59
O6 NAG E . -11.52 0.23 17.49
O7 NAG E . -15.55 3.00 22.57
C1 NAG F . 9.70 45.44 22.76
C2 NAG F . 10.00 45.98 24.14
C3 NAG F . 9.76 47.48 24.16
C4 NAG F . 10.47 48.19 23.01
C5 NAG F . 10.36 47.44 21.68
C6 NAG F . 11.42 47.88 20.69
C7 NAG F . 9.65 44.30 25.90
C8 NAG F . 8.68 43.77 26.92
N2 NAG F . 9.21 45.33 25.16
O3 NAG F . 10.28 47.97 25.40
O4 NAG F . 9.85 49.46 22.86
O5 NAG F . 10.54 46.03 21.83
O6 NAG F . 11.12 49.11 20.07
O7 NAG F . 10.76 43.80 25.73
C1 NAG F . 10.75 50.55 23.12
C2 NAG F . 10.08 51.88 22.76
C3 NAG F . 11.12 52.99 22.81
C4 NAG F . 11.84 53.01 24.16
C5 NAG F . 12.37 51.63 24.53
C6 NAG F . 12.92 51.56 25.94
C7 NAG F . 8.27 52.32 21.16
C8 NAG F . 7.80 52.16 19.74
N2 NAG F . 9.46 51.80 21.44
O3 NAG F . 10.47 54.23 22.54
O4 NAG F . 12.92 53.94 24.12
O5 NAG F . 11.34 50.64 24.45
O6 NAG F . 13.07 50.22 26.40
O7 NAG F . 7.60 52.91 22.00
C1 BMA F . 12.50 55.25 24.61
C2 BMA F . 13.44 55.77 25.74
C3 BMA F . 12.85 57.06 26.33
C4 BMA F . 12.33 58.07 25.23
C5 BMA F . 11.48 57.37 24.10
C6 BMA F . 11.14 58.32 22.93
O2 BMA F . 14.77 56.05 25.26
O3 BMA F . 13.79 57.70 27.19
O4 BMA F . 11.54 59.07 25.84
O5 BMA F . 12.25 56.25 23.60
O6 BMA F . 9.95 57.87 22.26
C1 NAG G . -34.67 20.12 15.83
C2 NAG G . -35.76 20.68 16.77
C3 NAG G . -35.38 20.40 18.23
C4 NAG G . -35.09 18.93 18.45
C5 NAG G . -33.99 18.47 17.49
C6 NAG G . -33.56 17.00 17.68
C7 NAG G . -36.49 22.64 15.45
C8 NAG G . -36.63 24.13 15.45
N2 NAG G . -35.97 22.10 16.57
O3 NAG G . -36.41 20.85 19.12
O4 NAG G . -34.65 18.75 19.79
O5 NAG G . -34.40 18.69 16.13
O6 NAG G . -34.10 16.05 16.77
O7 NAG G . -36.83 21.96 14.49
C1 NAG G . -35.50 17.81 20.47
C2 NAG G . -35.39 17.94 21.99
C3 NAG G . -36.23 16.86 22.66
C4 NAG G . -37.67 16.91 22.16
C5 NAG G . -37.70 16.86 20.63
C6 NAG G . -39.07 17.04 20.05
C7 NAG G . -33.26 18.91 22.73
C8 NAG G . -31.84 18.65 23.14
N2 NAG G . -33.99 17.85 22.41
O3 NAG G . -36.20 17.04 24.08
O4 NAG G . -38.43 15.83 22.68
O5 NAG G . -36.88 17.92 20.09
O6 NAG G . -39.05 17.97 18.97
O7 NAG G . -33.72 20.05 22.68
C1 NAG H . 10.63 -41.65 -20.01
C2 NAG H . 10.05 -42.89 -19.33
C3 NAG H . 10.27 -44.13 -20.21
C4 NAG H . 9.90 -43.91 -21.67
C5 NAG H . 10.35 -42.55 -22.22
C6 NAG H . 9.66 -42.19 -23.52
C7 NAG H . 9.92 -43.31 -16.91
C8 NAG H . 10.70 -43.45 -15.65
N2 NAG H . 10.64 -43.08 -18.02
O3 NAG H . 9.49 -45.18 -19.65
O4 NAG H . 10.52 -44.95 -22.43
O5 NAG H . 10.05 -41.49 -21.30
O6 NAG H . 10.13 -40.99 -24.10
O7 NAG H . 8.69 -43.40 -16.94
C1 NAG H . 9.83 -45.39 -23.63
C2 NAG H . 10.82 -45.90 -24.71
C3 NAG H . 10.06 -46.32 -25.97
C4 NAG H . 8.93 -47.28 -25.65
C5 NAG H . 8.04 -46.71 -24.53
C6 NAG H . 6.97 -47.68 -24.07
C7 NAG H . 12.92 -44.66 -24.29
C8 NAG H . 13.84 -43.60 -24.80
N2 NAG H . 11.82 -44.89 -25.04
O3 NAG H . 10.97 -46.91 -26.90
O4 NAG H . 8.14 -47.52 -26.81
O5 NAG H . 8.83 -46.40 -23.38
O6 NAG H . 6.67 -48.63 -25.09
O7 NAG H . 13.15 -45.28 -23.26
C1 NAG I . 26.55 11.71 19.03
C2 NAG I . 27.03 12.01 20.46
C3 NAG I . 26.96 10.75 21.34
C4 NAG I . 25.57 10.13 21.26
C5 NAG I . 25.21 9.86 19.81
C6 NAG I . 23.83 9.29 19.62
C7 NAG I . 28.77 13.50 21.33
C8 NAG I . 30.17 13.98 21.18
N2 NAG I . 28.37 12.57 20.47
O3 NAG I . 27.29 11.08 22.68
O4 NAG I . 25.53 8.92 22.00
O5 NAG I . 25.26 11.08 19.06
O6 NAG I . 23.79 8.47 18.47
O7 NAG I . 28.03 13.94 22.20
C1 NAG J . 0.58 -3.86 7.46
C2 NAG J . 1.16 -5.09 6.77
C3 NAG J . 1.66 -6.09 7.82
C4 NAG J . 2.63 -5.40 8.77
C5 NAG J . 2.00 -4.13 9.36
C6 NAG J . 2.95 -3.31 10.20
C7 NAG J . 0.18 -5.53 4.55
C8 NAG J . 1.25 -4.63 3.98
N2 NAG J . 0.19 -5.72 5.88
O3 NAG J . 2.32 -7.18 7.18
O4 NAG J . 3.01 -6.29 9.82
O5 NAG J . 1.56 -3.27 8.30
O6 NAG J . 2.38 -2.05 10.53
O7 NAG J . -0.65 -6.08 3.82
C1 NAG K . 4.09 35.30 30.70
C2 NAG K . 5.56 35.13 31.00
C3 NAG K . 5.74 34.07 32.06
C4 NAG K . 4.92 34.41 33.30
C5 NAG K . 3.48 34.71 32.91
C6 NAG K . 2.69 35.33 34.02
C7 NAG K . 7.58 35.31 29.65
C8 NAG K . 8.22 34.98 28.33
N2 NAG K . 6.33 34.86 29.83
O3 NAG K . 7.13 33.98 32.42
O4 NAG K . 4.97 33.35 34.24
O5 NAG K . 3.39 35.66 31.84
O6 NAG K . 2.05 36.50 33.52
O7 NAG K . 8.16 35.95 30.51
C1 NAG L . -19.59 -17.91 -33.54
C2 NAG L . -19.23 -19.22 -34.26
C3 NAG L . -18.89 -18.94 -35.72
C4 NAG L . -20.04 -18.19 -36.39
C5 NAG L . -20.36 -16.93 -35.59
C6 NAG L . -21.57 -16.18 -36.14
C7 NAG L . -17.88 -21.20 -33.74
C8 NAG L . -16.72 -21.73 -32.97
N2 NAG L . -18.14 -19.90 -33.59
O3 NAG L . -18.65 -20.16 -36.41
O4 NAG L . -19.68 -17.81 -37.71
O5 NAG L . -20.67 -17.27 -34.23
O6 NAG L . -21.17 -14.97 -36.78
O7 NAG L . -18.57 -21.92 -34.47
C1 NAG M . -9.72 -46.56 -20.71
C2 NAG M . -9.80 -46.42 -22.25
C3 NAG M . -11.15 -46.91 -22.76
C4 NAG M . -11.45 -48.31 -22.26
C5 NAG M . -11.36 -48.35 -20.73
C6 NAG M . -11.58 -49.73 -20.14
C7 NAG M . -8.35 -44.44 -22.55
C8 NAG M . -8.28 -43.06 -23.11
N2 NAG M . -9.53 -45.07 -22.70
O3 NAG M . -11.17 -46.88 -24.19
O4 NAG M . -12.74 -48.74 -22.68
O5 NAG M . -10.05 -47.93 -20.32
O6 NAG M . -11.32 -49.75 -18.74
O7 NAG M . -7.40 -44.96 -21.97
C1 NAG N . 10.56 -6.58 -23.04
C2 NAG N . 9.55 -5.91 -23.93
C3 NAG N . 9.70 -6.41 -25.36
C4 NAG N . 11.14 -6.20 -25.83
C5 NAG N . 12.13 -6.78 -24.83
C6 NAG N . 13.57 -6.41 -25.11
C7 NAG N . 7.22 -5.28 -23.54
C8 NAG N . 5.91 -5.70 -22.95
N2 NAG N . 8.21 -6.17 -23.43
O3 NAG N . 8.81 -5.71 -26.21
O4 NAG N . 11.30 -6.84 -27.10
O5 NAG N . 11.86 -6.29 -23.50
O6 NAG N . 14.34 -6.40 -23.92
O7 NAG N . 7.39 -4.19 -24.09
C1 NAG O . 4.26 2.74 -14.52
C2 NAG O . 4.50 3.91 -15.45
C3 NAG O . 5.32 4.97 -14.73
C4 NAG O . 4.63 5.38 -13.43
C5 NAG O . 4.23 4.16 -12.61
C6 NAG O . 3.29 4.52 -11.48
C7 NAG O . 4.55 2.74 -17.61
C8 NAG O . 5.37 2.40 -18.81
N2 NAG O . 5.17 3.48 -16.68
O3 NAG O . 5.45 6.11 -15.58
O4 NAG O . 5.48 6.22 -12.66
O5 NAG O . 3.54 3.19 -13.40
O6 NAG O . 2.18 5.27 -11.96
O7 NAG O . 3.39 2.38 -17.48
C1 NAG P . 30.18 -40.10 -3.08
C2 NAG P . 31.69 -40.05 -3.26
C3 NAG P . 32.01 -40.20 -4.74
C4 NAG P . 31.45 -41.52 -5.28
C5 NAG P . 29.97 -41.68 -4.96
C6 NAG P . 29.49 -43.11 -5.17
C7 NAG P . 32.81 -38.73 -1.52
C8 NAG P . 33.36 -37.38 -1.14
N2 NAG P . 32.26 -38.81 -2.73
O3 NAG P . 33.43 -40.15 -4.95
O4 NAG P . 31.67 -41.57 -6.68
O5 NAG P . 29.67 -41.37 -3.58
O6 NAG P . 28.62 -43.25 -6.29
O7 NAG P . 32.86 -39.69 -0.76
#